data_6BMU
#
_entry.id   6BMU
#
_cell.length_a   46.130
_cell.length_b   213.450
_cell.length_c   55.940
_cell.angle_alpha   90.00
_cell.angle_beta   96.75
_cell.angle_gamma   90.00
#
_symmetry.space_group_name_H-M   'P 1 21 1'
#
loop_
_entity.id
_entity.type
_entity.pdbx_description
1 polymer 'Tyrosine-protein phosphatase non-receptor type 11'
2 non-polymer 6-(4-azanyl-4-methyl-piperidin-1-yl)-3-[2,3-bis(chloranyl)phenyl]pyrazin-2-amine
3 non-polymer 4-[(2-chlorophenyl)methyl]-1-(2-hydroxy-3-methoxyphenyl)[1,2,4]triazolo[4,3-a]quinazolin-5(4H)-one
4 non-polymer 'PHOSPHATE ION'
5 non-polymer GLYCEROL
6 water water
#
_entity_poly.entity_id   1
_entity_poly.type   'polypeptide(L)'
_entity_poly.pdbx_seq_one_letter_code
;SMTSRRWFHPNITGVEAENLLLTRGVDGSFLARPSKSNPGDFTLSVRRNGAVTHIKIQNTGDYYDLYGGEKFATLAELVQ
YYMEHHGQLKEKNGDVIELKYPLNCADPTSERWFHGHLSGKEAEKLLTEKGKHGSFLVRESQSHPGDFVLSVRTGDDKGE
SNDGKSKVTHVMIRCQELKYDVGGGERFDSLTDLVEHYKKNPMVETLGTVLQLKQPLNTTRINAAEIESRVRELSKLAET
TDKVKQGFWEEFETLQQQECKLLYSRKEGQRQENKNKNRYKNILPFDHTRVVLHDGDPNEPVSDYINANIIMPEFETKCN
NSKPKKSYIATQGCLQNTVNDFWRMVFQENSRVIVMTTKEVERGKSKCVKYWPDEYALKEYGVMRVRNVKESAAHDYTLR
ELKLSKVGQGNTERTVWQYHFRTWPDHGVPSDPGGVLDFLEEVHHKQESIMDAGPVVVHCSAGIGRTGTFIVIDILIDII
REKGVDCDIDVPKTIQMVRSQRSGMVQTEAQYRFIYMAVQHYIETL
;
_entity_poly.pdbx_strand_id   A,B
#
loop_
_chem_comp.id
_chem_comp.type
_chem_comp.name
_chem_comp.formula
5OD non-polymer 6-(4-azanyl-4-methyl-piperidin-1-yl)-3-[2,3-bis(chloranyl)phenyl]pyrazin-2-amine 'C16 H19 Cl2 N5'
DZV non-polymer 4-[(2-chlorophenyl)methyl]-1-(2-hydroxy-3-methoxyphenyl)[1,2,4]triazolo[4,3-a]quinazolin-5(4H)-one 'C23 H17 Cl N4 O3'
GOL non-polymer GLYCEROL 'C3 H8 O3'
PO4 non-polymer 'PHOSPHATE ION' 'O4 P -3'
#
# COMPACT_ATOMS: atom_id res chain seq x y z
N SER A 4 32.31 -25.94 -1.65
CA SER A 4 33.22 -24.79 -1.53
C SER A 4 32.62 -23.51 -2.17
N ARG A 5 33.19 -22.34 -1.81
CA ARG A 5 32.81 -21.01 -2.27
C ARG A 5 34.03 -20.28 -2.81
N ARG A 6 35.05 -21.05 -3.30
CA ARG A 6 36.29 -20.51 -3.88
C ARG A 6 36.07 -19.63 -5.13
N TRP A 7 34.89 -19.73 -5.79
CA TRP A 7 34.55 -18.92 -6.98
C TRP A 7 34.28 -17.46 -6.62
N PHE A 8 34.30 -17.11 -5.32
CA PHE A 8 34.03 -15.74 -4.91
C PHE A 8 35.31 -15.02 -4.62
N HIS A 9 35.60 -13.96 -5.40
CA HIS A 9 36.85 -13.19 -5.22
C HIS A 9 36.51 -11.81 -4.59
N PRO A 10 36.89 -11.58 -3.32
CA PRO A 10 36.47 -10.32 -2.65
C PRO A 10 37.21 -9.01 -2.98
N ASN A 11 38.44 -9.07 -3.50
CA ASN A 11 39.21 -7.84 -3.73
C ASN A 11 39.64 -7.60 -5.19
N ILE A 12 38.98 -8.22 -6.18
CA ILE A 12 39.35 -8.01 -7.58
C ILE A 12 38.43 -7.03 -8.30
N THR A 13 38.96 -6.41 -9.35
CA THR A 13 38.30 -5.46 -10.24
C THR A 13 37.78 -6.24 -11.46
N GLY A 14 36.98 -5.59 -12.31
CA GLY A 14 36.45 -6.16 -13.54
C GLY A 14 37.55 -6.55 -14.53
N VAL A 15 38.64 -5.77 -14.58
CA VAL A 15 39.83 -6.01 -15.44
C VAL A 15 40.57 -7.25 -14.99
N GLU A 16 40.88 -7.34 -13.67
CA GLU A 16 41.55 -8.51 -13.08
C GLU A 16 40.72 -9.76 -13.37
N ALA A 17 39.38 -9.69 -13.16
CA ALA A 17 38.42 -10.76 -13.42
C ALA A 17 38.49 -11.24 -14.86
N GLU A 18 38.55 -10.28 -15.80
CA GLU A 18 38.60 -10.55 -17.24
C GLU A 18 39.91 -11.26 -17.58
N ASN A 19 41.04 -10.75 -17.08
CA ASN A 19 42.38 -11.32 -17.27
C ASN A 19 42.57 -12.69 -16.60
N LEU A 20 41.92 -12.89 -15.44
CA LEU A 20 41.92 -14.15 -14.67
C LEU A 20 41.21 -15.23 -15.47
N LEU A 21 40.04 -14.90 -16.03
CA LEU A 21 39.25 -15.83 -16.81
C LEU A 21 39.86 -16.11 -18.19
N LEU A 22 40.56 -15.14 -18.78
CA LEU A 22 41.13 -15.32 -20.13
C LEU A 22 42.40 -16.14 -20.13
N THR A 23 43.30 -15.90 -19.15
CA THR A 23 44.58 -16.58 -19.01
C THR A 23 44.53 -17.85 -18.14
N ARG A 24 43.64 -17.93 -17.12
CA ARG A 24 43.62 -19.11 -16.25
C ARG A 24 42.32 -19.95 -16.34
N GLY A 25 41.36 -19.49 -17.13
CA GLY A 25 40.12 -20.23 -17.31
C GLY A 25 39.93 -20.78 -18.71
N VAL A 26 38.76 -21.38 -18.95
CA VAL A 26 38.34 -21.91 -20.24
C VAL A 26 36.89 -21.47 -20.48
N ASP A 27 36.28 -21.86 -21.61
CA ASP A 27 34.87 -21.54 -21.85
C ASP A 27 34.06 -22.30 -20.78
N GLY A 28 33.19 -21.58 -20.08
CA GLY A 28 32.42 -22.16 -19.00
C GLY A 28 33.01 -21.82 -17.65
N SER A 29 34.18 -21.13 -17.63
CA SER A 29 34.81 -20.69 -16.37
C SER A 29 34.07 -19.50 -15.82
N PHE A 30 33.88 -19.46 -14.50
CA PHE A 30 33.14 -18.35 -13.91
C PHE A 30 33.67 -17.96 -12.56
N LEU A 31 33.34 -16.72 -12.15
CA LEU A 31 33.63 -16.19 -10.82
C LEU A 31 32.57 -15.12 -10.44
N ALA A 32 32.41 -14.87 -9.16
CA ALA A 32 31.51 -13.83 -8.70
C ALA A 32 32.35 -12.89 -7.86
N ARG A 33 31.95 -11.61 -7.81
CA ARG A 33 32.74 -10.61 -7.05
C ARG A 33 31.91 -9.41 -6.62
N PRO A 34 32.35 -8.66 -5.58
CA PRO A 34 31.62 -7.42 -5.23
C PRO A 34 31.99 -6.27 -6.19
N SER A 35 31.08 -5.31 -6.37
CA SER A 35 31.28 -4.13 -7.22
C SER A 35 32.14 -3.09 -6.49
N ASN A 38 29.38 0.41 -8.32
CA ASN A 38 28.42 0.71 -7.25
C ASN A 38 28.49 -0.29 -6.08
N PRO A 39 29.22 0.02 -4.97
CA PRO A 39 29.26 -0.92 -3.83
C PRO A 39 27.87 -1.35 -3.32
N GLY A 40 27.75 -2.58 -2.85
CA GLY A 40 26.49 -3.17 -2.41
C GLY A 40 25.90 -4.12 -3.45
N ASP A 41 26.44 -4.06 -4.70
CA ASP A 41 26.11 -4.89 -5.86
C ASP A 41 27.21 -5.96 -6.06
N PHE A 42 26.90 -6.93 -6.93
CA PHE A 42 27.79 -8.04 -7.27
C PHE A 42 27.82 -8.27 -8.76
N THR A 43 28.89 -8.94 -9.23
CA THR A 43 29.06 -9.29 -10.64
C THR A 43 29.42 -10.76 -10.77
N LEU A 44 28.72 -11.44 -11.66
CA LEU A 44 29.02 -12.79 -12.05
C LEU A 44 29.77 -12.67 -13.43
N SER A 45 31.11 -12.90 -13.43
CA SER A 45 31.95 -12.82 -14.63
C SER A 45 32.15 -14.25 -15.20
N VAL A 46 31.66 -14.50 -16.43
CA VAL A 46 31.66 -15.81 -17.11
C VAL A 46 32.40 -15.77 -18.45
N ARG A 47 33.30 -16.74 -18.68
CA ARG A 47 33.95 -16.90 -19.98
C ARG A 47 33.02 -17.75 -20.90
N ARG A 48 32.75 -17.26 -22.10
CA ARG A 48 31.87 -17.92 -23.09
C ARG A 48 32.36 -17.54 -24.49
N ASN A 49 32.74 -18.53 -25.31
CA ASN A 49 33.27 -18.37 -26.68
C ASN A 49 34.46 -17.36 -26.77
N GLY A 50 35.47 -17.57 -25.93
CA GLY A 50 36.68 -16.75 -25.90
C GLY A 50 36.56 -15.39 -25.23
N ALA A 51 35.33 -14.92 -24.97
CA ALA A 51 35.09 -13.61 -24.36
C ALA A 51 34.40 -13.71 -22.98
N VAL A 52 34.64 -12.70 -22.14
CA VAL A 52 34.09 -12.58 -20.77
C VAL A 52 32.79 -11.73 -20.77
N THR A 53 31.70 -12.33 -20.25
CA THR A 53 30.38 -11.70 -20.06
C THR A 53 30.31 -11.31 -18.58
N HIS A 54 29.88 -10.07 -18.30
CA HIS A 54 29.69 -9.59 -16.93
C HIS A 54 28.18 -9.49 -16.67
N ILE A 55 27.68 -10.18 -15.64
CA ILE A 55 26.26 -10.18 -15.27
C ILE A 55 26.05 -9.53 -13.90
N LYS A 56 25.14 -8.57 -13.85
CA LYS A 56 24.83 -7.84 -12.64
C LYS A 56 23.94 -8.62 -11.67
N ILE A 57 24.28 -8.54 -10.40
CA ILE A 57 23.55 -9.11 -9.27
C ILE A 57 23.31 -7.95 -8.32
N GLN A 58 22.05 -7.65 -8.05
CA GLN A 58 21.66 -6.58 -7.13
C GLN A 58 21.04 -7.14 -5.84
N ASN A 59 21.33 -6.49 -4.73
CA ASN A 59 20.72 -6.80 -3.45
C ASN A 59 20.54 -5.52 -2.67
N THR A 60 19.28 -5.07 -2.50
CA THR A 60 18.99 -3.87 -1.70
C THR A 60 18.55 -4.29 -0.30
N GLY A 61 18.49 -5.59 -0.06
CA GLY A 61 18.11 -6.09 1.27
C GLY A 61 17.08 -7.18 1.33
N ASP A 62 16.48 -7.55 0.20
CA ASP A 62 15.42 -8.59 0.13
C ASP A 62 15.84 -9.92 -0.49
N TYR A 63 16.75 -9.89 -1.48
CA TYR A 63 17.20 -11.08 -2.24
C TYR A 63 18.28 -10.68 -3.23
N TYR A 64 18.99 -11.67 -3.75
CA TYR A 64 20.03 -11.50 -4.78
C TYR A 64 19.29 -11.57 -6.10
N ASP A 65 19.27 -10.45 -6.82
CA ASP A 65 18.55 -10.31 -8.10
C ASP A 65 19.56 -10.32 -9.26
N LEU A 66 19.57 -11.43 -9.99
CA LEU A 66 20.49 -11.64 -11.09
C LEU A 66 19.87 -11.16 -12.41
N TYR A 67 20.62 -10.32 -13.17
CA TYR A 67 20.16 -9.84 -14.48
C TYR A 67 20.02 -11.01 -15.47
N GLY A 68 18.87 -11.11 -16.13
CA GLY A 68 18.61 -12.20 -17.08
C GLY A 68 18.40 -13.56 -16.42
N GLY A 69 18.34 -13.56 -15.08
CA GLY A 69 18.13 -14.75 -14.28
C GLY A 69 17.04 -14.58 -13.25
N GLU A 70 17.16 -15.33 -12.15
CA GLU A 70 16.19 -15.31 -11.07
C GLU A 70 16.67 -14.57 -9.80
N LYS A 71 15.80 -14.54 -8.75
CA LYS A 71 16.04 -13.98 -7.43
C LYS A 71 16.39 -15.15 -6.49
N PHE A 72 17.47 -14.99 -5.71
CA PHE A 72 18.02 -16.03 -4.83
C PHE A 72 18.26 -15.57 -3.40
N ALA A 73 18.25 -16.54 -2.47
CA ALA A 73 18.54 -16.21 -1.07
C ALA A 73 20.02 -15.99 -0.79
N THR A 74 20.92 -16.74 -1.46
CA THR A 74 22.38 -16.59 -1.23
C THR A 74 23.12 -16.74 -2.58
N LEU A 75 24.38 -16.28 -2.66
CA LEU A 75 25.19 -16.45 -3.89
C LEU A 75 25.52 -17.92 -4.12
N ALA A 76 25.69 -18.69 -3.02
CA ALA A 76 25.95 -20.15 -3.10
C ALA A 76 24.74 -20.89 -3.67
N GLU A 77 23.50 -20.45 -3.30
CA GLU A 77 22.26 -21.07 -3.80
C GLU A 77 22.08 -20.76 -5.26
N LEU A 78 22.43 -19.54 -5.65
CA LEU A 78 22.41 -19.06 -7.03
C LEU A 78 23.36 -19.92 -7.90
N VAL A 79 24.64 -20.04 -7.50
CA VAL A 79 25.68 -20.82 -8.19
C VAL A 79 25.30 -22.30 -8.25
N GLN A 80 24.82 -22.87 -7.11
CA GLN A 80 24.41 -24.27 -7.06
C GLN A 80 23.31 -24.55 -8.07
N TYR A 81 22.32 -23.64 -8.15
CA TYR A 81 21.20 -23.77 -9.05
C TYR A 81 21.59 -23.78 -10.54
N TYR A 82 22.34 -22.76 -11.00
CA TYR A 82 22.75 -22.61 -12.39
C TYR A 82 23.76 -23.67 -12.81
N MET A 83 24.61 -24.15 -11.89
CA MET A 83 25.52 -25.27 -12.17
C MET A 83 24.75 -26.61 -12.31
N GLU A 84 23.45 -26.64 -11.93
CA GLU A 84 22.61 -27.84 -12.01
C GLU A 84 21.47 -27.73 -13.05
N HIS A 85 20.98 -26.49 -13.31
CA HIS A 85 19.89 -26.23 -14.27
C HIS A 85 20.37 -25.40 -15.46
N HIS A 86 20.87 -26.08 -16.51
CA HIS A 86 21.37 -25.42 -17.71
C HIS A 86 20.25 -24.99 -18.67
N GLY A 87 20.51 -23.89 -19.38
CA GLY A 87 19.56 -23.26 -20.30
C GLY A 87 18.73 -22.19 -19.62
N GLN A 88 18.97 -21.97 -18.31
CA GLN A 88 18.26 -21.02 -17.47
C GLN A 88 18.87 -19.62 -17.45
N LEU A 89 20.19 -19.50 -17.72
CA LEU A 89 20.87 -18.20 -17.75
C LEU A 89 21.10 -17.73 -19.19
N LYS A 90 20.63 -16.52 -19.54
CA LYS A 90 20.70 -15.94 -20.88
C LYS A 90 21.08 -14.47 -20.84
N GLY A 94 19.68 -13.35 -26.11
CA GLY A 94 19.15 -14.41 -25.27
C GLY A 94 19.88 -15.73 -25.40
N ASP A 95 21.20 -15.69 -25.63
CA ASP A 95 22.05 -16.87 -25.77
C ASP A 95 22.37 -17.42 -24.36
N VAL A 96 22.29 -18.75 -24.20
CA VAL A 96 22.53 -19.44 -22.92
C VAL A 96 23.98 -19.29 -22.44
N ILE A 97 24.12 -18.93 -21.15
CA ILE A 97 25.38 -18.76 -20.45
C ILE A 97 25.47 -19.92 -19.46
N GLU A 98 26.50 -20.76 -19.61
CA GLU A 98 26.75 -21.92 -18.77
C GLU A 98 27.82 -21.65 -17.72
N LEU A 99 27.53 -22.01 -16.45
CA LEU A 99 28.44 -21.93 -15.31
C LEU A 99 28.98 -23.33 -15.15
N LYS A 100 30.17 -23.59 -15.72
CA LYS A 100 30.75 -24.93 -15.71
C LYS A 100 31.87 -25.10 -14.70
N TYR A 101 32.89 -24.25 -14.78
CA TYR A 101 34.09 -24.34 -13.95
C TYR A 101 34.30 -23.17 -13.05
N PRO A 102 34.16 -23.36 -11.72
CA PRO A 102 34.45 -22.24 -10.80
C PRO A 102 35.93 -21.85 -10.90
N LEU A 103 36.23 -20.56 -11.04
CA LEU A 103 37.62 -20.13 -11.05
C LEU A 103 37.95 -19.77 -9.61
N ASN A 104 38.80 -20.60 -8.99
CA ASN A 104 39.14 -20.50 -7.58
C ASN A 104 40.01 -19.33 -7.20
N CYS A 105 39.70 -18.75 -6.06
CA CYS A 105 40.36 -17.60 -5.45
C CYS A 105 41.36 -18.08 -4.41
N ALA A 106 42.60 -17.58 -4.48
CA ALA A 106 43.66 -17.96 -3.56
C ALA A 106 43.80 -16.98 -2.38
N ASP A 107 43.06 -15.87 -2.41
CA ASP A 107 43.06 -14.77 -1.41
C ASP A 107 42.51 -15.27 -0.05
N PRO A 108 43.26 -15.11 1.07
CA PRO A 108 42.75 -15.62 2.36
C PRO A 108 41.93 -14.62 3.22
N THR A 109 41.66 -13.39 2.73
CA THR A 109 40.95 -12.32 3.45
C THR A 109 39.62 -12.72 4.11
N SER A 110 38.76 -13.49 3.42
CA SER A 110 37.46 -13.92 3.96
C SER A 110 37.48 -15.27 4.71
N GLU A 111 38.68 -15.75 5.10
CA GLU A 111 38.81 -17.00 5.88
C GLU A 111 38.71 -16.63 7.34
N ARG A 112 38.04 -17.45 8.17
CA ARG A 112 37.83 -17.16 9.60
C ARG A 112 39.12 -17.07 10.41
N TRP A 113 40.13 -17.86 10.00
CA TRP A 113 41.40 -17.97 10.69
C TRP A 113 42.49 -16.95 10.23
N PHE A 114 42.26 -16.21 9.13
CA PHE A 114 43.28 -15.28 8.62
C PHE A 114 43.23 -13.92 9.32
N HIS A 115 44.32 -13.56 9.99
CA HIS A 115 44.39 -12.31 10.76
C HIS A 115 45.49 -11.33 10.29
N GLY A 116 45.87 -11.42 9.02
CA GLY A 116 46.87 -10.57 8.37
C GLY A 116 47.92 -9.97 9.28
N HIS A 117 47.94 -8.63 9.39
CA HIS A 117 48.88 -7.91 10.25
C HIS A 117 48.48 -8.07 11.73
N LEU A 118 49.15 -8.99 12.45
CA LEU A 118 48.88 -9.29 13.85
C LEU A 118 50.16 -9.65 14.62
N GLU A 124 49.35 -14.48 20.32
CA GLU A 124 49.59 -15.32 21.50
C GLU A 124 48.74 -14.87 22.71
N LYS A 125 48.50 -13.55 22.88
CA LYS A 125 47.63 -13.00 23.94
C LYS A 125 46.20 -13.54 23.70
N LEU A 126 45.72 -13.43 22.45
CA LEU A 126 44.41 -13.89 21.98
C LEU A 126 44.21 -15.39 22.18
N LEU A 127 45.19 -16.24 21.79
CA LEU A 127 45.10 -17.69 21.98
C LEU A 127 45.12 -18.06 23.46
N THR A 128 45.87 -17.30 24.28
CA THR A 128 45.95 -17.56 25.73
C THR A 128 44.62 -17.16 26.40
N GLU A 129 44.09 -15.98 26.06
CA GLU A 129 42.82 -15.50 26.62
C GLU A 129 41.59 -16.25 26.09
N LYS A 130 41.35 -16.17 24.77
CA LYS A 130 40.17 -16.70 24.08
C LYS A 130 40.25 -18.16 23.61
N GLY A 131 41.46 -18.65 23.33
CA GLY A 131 41.66 -19.98 22.77
C GLY A 131 41.38 -21.16 23.68
N LYS A 132 41.29 -22.34 23.05
CA LYS A 132 41.10 -23.66 23.65
C LYS A 132 41.93 -24.65 22.83
N HIS A 133 41.95 -25.95 23.22
CA HIS A 133 42.69 -26.98 22.49
C HIS A 133 42.25 -27.04 21.02
N GLY A 134 43.18 -26.77 20.11
CA GLY A 134 42.95 -26.78 18.68
C GLY A 134 42.58 -25.45 18.06
N SER A 135 42.57 -24.37 18.87
CA SER A 135 42.28 -23.03 18.33
C SER A 135 43.49 -22.55 17.56
N PHE A 136 43.27 -22.05 16.33
CA PHE A 136 44.35 -21.61 15.46
C PHE A 136 44.05 -20.34 14.71
N LEU A 137 45.11 -19.75 14.16
CA LEU A 137 45.08 -18.55 13.34
C LEU A 137 46.31 -18.53 12.41
N VAL A 138 46.24 -17.71 11.36
CA VAL A 138 47.32 -17.50 10.40
C VAL A 138 47.48 -15.98 10.29
N ARG A 139 48.73 -15.50 10.42
CA ARG A 139 49.10 -14.09 10.34
C ARG A 139 50.30 -13.90 9.42
N GLU A 140 50.51 -12.67 8.92
CA GLU A 140 51.67 -12.39 8.08
C GLU A 140 52.87 -12.08 8.95
N SER A 141 54.01 -12.77 8.69
CA SER A 141 55.29 -12.62 9.40
C SER A 141 55.94 -11.25 9.14
N PRO A 145 58.58 -11.67 6.77
CA PRO A 145 58.57 -10.66 5.71
C PRO A 145 58.16 -11.29 4.37
N GLY A 146 56.85 -11.25 4.08
CA GLY A 146 56.25 -11.89 2.91
C GLY A 146 55.82 -13.33 3.21
N ASP A 147 56.35 -13.89 4.31
CA ASP A 147 56.04 -15.22 4.83
C ASP A 147 54.89 -15.13 5.85
N PHE A 148 54.36 -16.28 6.30
CA PHE A 148 53.23 -16.31 7.24
C PHE A 148 53.52 -17.15 8.44
N VAL A 149 52.68 -17.07 9.49
CA VAL A 149 52.85 -17.84 10.71
C VAL A 149 51.54 -18.56 11.08
N LEU A 150 51.63 -19.85 11.42
CA LEU A 150 50.50 -20.65 11.86
C LEU A 150 50.66 -20.82 13.37
N SER A 151 49.76 -20.19 14.15
CA SER A 151 49.78 -20.26 15.60
C SER A 151 48.60 -21.10 16.12
N VAL A 152 48.91 -22.18 16.86
CA VAL A 152 47.95 -23.18 17.36
C VAL A 152 48.05 -23.37 18.87
N ARG A 153 46.92 -23.47 19.55
CA ARG A 153 46.89 -23.76 20.96
C ARG A 153 46.56 -25.24 21.10
N THR A 154 47.21 -25.94 22.05
CA THR A 154 46.96 -27.35 22.36
C THR A 154 46.94 -27.50 23.86
N GLY A 155 46.09 -28.40 24.37
CA GLY A 155 45.95 -28.67 25.80
C GLY A 155 44.75 -29.50 26.15
N SER A 166 48.52 -26.93 28.78
CA SER A 166 48.21 -26.13 27.59
C SER A 166 49.39 -25.26 27.14
N LYS A 167 49.57 -25.08 25.80
CA LYS A 167 50.66 -24.29 25.19
C LYS A 167 50.31 -23.69 23.81
N VAL A 168 51.15 -22.79 23.27
CA VAL A 168 51.00 -22.21 21.93
C VAL A 168 52.23 -22.59 21.06
N THR A 169 52.00 -23.11 19.85
CA THR A 169 53.06 -23.49 18.91
C THR A 169 52.94 -22.66 17.65
N HIS A 170 54.07 -22.08 17.22
CA HIS A 170 54.18 -21.28 16.01
C HIS A 170 54.92 -22.07 14.93
N VAL A 171 54.30 -22.19 13.76
CA VAL A 171 54.79 -22.91 12.58
C VAL A 171 54.99 -21.86 11.50
N MET A 172 56.19 -21.77 10.94
CA MET A 172 56.45 -20.78 9.90
C MET A 172 55.96 -21.27 8.57
N ILE A 173 55.31 -20.39 7.78
CA ILE A 173 54.78 -20.69 6.47
C ILE A 173 55.57 -19.88 5.48
N ARG A 174 56.42 -20.56 4.71
CA ARG A 174 57.25 -19.92 3.70
C ARG A 174 56.46 -19.73 2.42
N CYS A 175 56.65 -18.57 1.80
CA CYS A 175 56.04 -18.27 0.53
C CYS A 175 57.22 -18.15 -0.44
N GLN A 176 57.31 -19.11 -1.39
CA GLN A 176 58.38 -19.21 -2.37
C GLN A 176 57.74 -19.46 -3.73
N GLU A 177 57.81 -18.47 -4.63
CA GLU A 177 57.29 -18.49 -6.01
C GLU A 177 55.78 -18.79 -6.09
N LEU A 178 55.00 -18.02 -5.32
CA LEU A 178 53.52 -18.08 -5.25
C LEU A 178 52.99 -19.34 -4.55
N LYS A 179 53.88 -20.18 -3.99
CA LYS A 179 53.49 -21.40 -3.29
C LYS A 179 53.86 -21.38 -1.83
N TYR A 180 53.02 -22.01 -1.00
CA TYR A 180 53.14 -22.06 0.46
C TYR A 180 53.55 -23.43 0.99
N ASP A 181 54.46 -23.45 1.98
CA ASP A 181 54.94 -24.70 2.57
C ASP A 181 55.35 -24.52 4.02
N VAL A 182 55.30 -25.60 4.81
CA VAL A 182 55.71 -25.60 6.22
C VAL A 182 57.21 -26.03 6.42
N GLY A 183 58.03 -25.89 5.38
CA GLY A 183 59.45 -26.21 5.43
C GLY A 183 59.83 -27.59 4.92
N GLY A 184 58.89 -28.24 4.24
CA GLY A 184 59.08 -29.58 3.67
C GLY A 184 57.78 -30.12 3.15
N GLY A 185 57.86 -31.22 2.41
CA GLY A 185 56.70 -31.87 1.82
C GLY A 185 56.09 -31.09 0.68
N GLU A 186 54.76 -31.06 0.65
CA GLU A 186 53.97 -30.39 -0.38
C GLU A 186 54.07 -28.85 -0.38
N ARG A 187 53.93 -28.26 -1.56
CA ARG A 187 53.94 -26.81 -1.79
C ARG A 187 52.56 -26.47 -2.34
N PHE A 188 51.77 -25.70 -1.57
CA PHE A 188 50.38 -25.32 -1.83
C PHE A 188 50.19 -24.01 -2.60
N ASP A 189 49.11 -23.93 -3.41
CA ASP A 189 48.79 -22.73 -4.22
C ASP A 189 48.19 -21.57 -3.40
N SER A 190 47.70 -21.88 -2.20
CA SER A 190 47.07 -20.91 -1.31
C SER A 190 47.20 -21.34 0.13
N LEU A 191 47.09 -20.36 1.07
CA LEU A 191 47.12 -20.62 2.51
C LEU A 191 45.99 -21.53 2.88
N THR A 192 44.82 -21.41 2.16
CA THR A 192 43.62 -22.22 2.33
C THR A 192 43.90 -23.69 2.09
N ASP A 193 44.56 -24.01 0.97
CA ASP A 193 44.96 -25.39 0.61
C ASP A 193 45.87 -25.99 1.68
N LEU A 194 46.85 -25.20 2.18
CA LEU A 194 47.77 -25.63 3.23
C LEU A 194 46.99 -25.90 4.52
N VAL A 195 46.13 -24.93 4.95
CA VAL A 195 45.32 -25.04 6.15
C VAL A 195 44.43 -26.29 6.07
N GLU A 196 43.68 -26.48 4.96
CA GLU A 196 42.79 -27.65 4.72
C GLU A 196 43.56 -28.97 4.84
N HIS A 197 44.76 -29.02 4.23
CA HIS A 197 45.66 -30.18 4.26
C HIS A 197 46.09 -30.52 5.68
N TYR A 198 46.62 -29.52 6.45
CA TYR A 198 47.09 -29.76 7.80
C TYR A 198 45.95 -29.84 8.82
N LYS A 199 44.71 -29.58 8.37
CA LYS A 199 43.49 -29.78 9.18
C LYS A 199 43.15 -31.30 9.13
N LYS A 200 43.22 -31.91 7.92
CA LYS A 200 42.95 -33.34 7.71
C LYS A 200 44.13 -34.21 8.18
N ASN A 201 45.36 -33.79 7.85
CA ASN A 201 46.61 -34.50 8.20
C ASN A 201 47.43 -33.62 9.19
N PRO A 202 47.16 -33.69 10.51
CA PRO A 202 47.87 -32.82 11.44
C PRO A 202 49.36 -33.07 11.57
N MET A 203 50.12 -31.99 11.72
CA MET A 203 51.56 -32.01 11.95
C MET A 203 51.77 -32.60 13.35
N VAL A 204 52.72 -33.53 13.47
CA VAL A 204 53.03 -34.16 14.76
C VAL A 204 54.40 -33.66 15.18
N GLU A 205 54.51 -33.16 16.41
CA GLU A 205 55.79 -32.71 16.94
C GLU A 205 56.63 -33.96 17.23
N THR A 206 57.96 -33.84 17.16
CA THR A 206 58.92 -34.94 17.36
C THR A 206 58.60 -35.78 18.63
N LEU A 207 58.16 -35.10 19.73
CA LEU A 207 57.82 -35.73 21.01
C LEU A 207 56.32 -36.11 21.15
N GLY A 208 55.57 -36.03 20.05
CA GLY A 208 54.20 -36.50 20.00
C GLY A 208 53.02 -35.55 20.08
N THR A 209 53.25 -34.23 20.26
CA THR A 209 52.13 -33.28 20.31
C THR A 209 51.51 -33.19 18.92
N VAL A 210 50.23 -33.58 18.81
CA VAL A 210 49.48 -33.50 17.55
C VAL A 210 48.95 -32.06 17.42
N LEU A 211 49.39 -31.35 16.36
CA LEU A 211 48.98 -29.95 16.15
C LEU A 211 47.66 -29.89 15.38
N GLN A 212 46.58 -30.28 16.07
CA GLN A 212 45.21 -30.33 15.56
C GLN A 212 44.65 -28.93 15.33
N LEU A 213 44.16 -28.68 14.11
CA LEU A 213 43.55 -27.40 13.77
C LEU A 213 42.05 -27.61 13.89
N LYS A 214 41.54 -27.61 15.14
CA LYS A 214 40.15 -27.92 15.49
C LYS A 214 39.19 -26.85 15.03
N GLN A 215 39.35 -25.64 15.55
CA GLN A 215 38.50 -24.51 15.23
C GLN A 215 39.32 -23.22 15.06
N PRO A 216 38.88 -22.23 14.25
CA PRO A 216 39.62 -20.96 14.20
C PRO A 216 39.40 -20.21 15.50
N LEU A 217 40.40 -19.43 15.93
CA LEU A 217 40.31 -18.61 17.13
C LEU A 217 39.11 -17.65 17.00
N ASN A 218 38.26 -17.58 18.04
CA ASN A 218 37.11 -16.68 18.03
C ASN A 218 37.59 -15.27 18.33
N THR A 219 37.34 -14.33 17.42
CA THR A 219 37.69 -12.93 17.62
C THR A 219 36.43 -12.06 17.51
N THR A 220 35.26 -12.67 17.18
CA THR A 220 34.00 -11.91 17.00
C THR A 220 33.13 -11.82 18.25
N ARG A 221 33.24 -12.80 19.16
CA ARG A 221 32.52 -12.78 20.43
C ARG A 221 33.02 -11.61 21.29
N ILE A 222 32.12 -10.70 21.62
CA ILE A 222 32.45 -9.53 22.43
C ILE A 222 31.61 -9.55 23.70
N ASN A 223 32.07 -8.78 24.69
CA ASN A 223 31.28 -8.61 25.88
C ASN A 223 30.33 -7.43 25.54
N ALA A 224 29.02 -7.61 25.80
CA ALA A 224 27.96 -6.64 25.44
C ALA A 224 28.29 -5.20 25.80
N ALA A 225 28.81 -4.98 27.02
CA ALA A 225 29.21 -3.67 27.52
C ALA A 225 30.32 -3.02 26.69
N GLU A 226 31.07 -3.80 25.87
CA GLU A 226 32.17 -3.26 25.05
C GLU A 226 31.77 -3.06 23.54
N ILE A 227 30.46 -3.07 23.21
CA ILE A 227 29.95 -2.92 21.84
C ILE A 227 30.47 -1.64 21.12
N GLU A 228 30.39 -0.47 21.77
CA GLU A 228 30.84 0.82 21.26
C GLU A 228 32.30 0.74 20.78
N SER A 229 33.15 0.02 21.55
CA SER A 229 34.55 -0.18 21.25
C SER A 229 34.67 -1.02 19.98
N ARG A 230 33.92 -2.13 19.89
CA ARG A 230 33.92 -3.01 18.70
C ARG A 230 33.41 -2.27 17.44
N VAL A 231 32.33 -1.48 17.57
CA VAL A 231 31.75 -0.70 16.47
C VAL A 231 32.79 0.29 15.92
N ARG A 232 33.58 0.95 16.83
CA ARG A 232 34.67 1.87 16.46
C ARG A 232 35.76 1.14 15.66
N GLU A 233 36.19 -0.06 16.12
CA GLU A 233 37.21 -0.85 15.44
C GLU A 233 36.71 -1.40 14.09
N LEU A 234 35.39 -1.77 13.99
CA LEU A 234 34.81 -2.27 12.73
C LEU A 234 34.55 -1.16 11.76
N SER A 235 34.45 0.09 12.23
CA SER A 235 34.25 1.25 11.36
C SER A 235 35.58 1.70 10.69
N LYS A 236 36.74 1.29 11.23
CA LYS A 236 38.04 1.62 10.65
C LYS A 236 38.24 0.89 9.30
N LEU A 237 39.00 1.54 8.37
CA LEU A 237 39.28 1.01 7.03
C LEU A 237 40.09 -0.30 7.03
N GLN A 246 35.95 -1.04 5.06
CA GLN A 246 35.79 -1.05 6.53
C GLN A 246 35.78 -2.48 7.13
N GLY A 247 36.12 -2.59 8.41
CA GLY A 247 36.12 -3.84 9.16
C GLY A 247 34.79 -4.57 9.17
N PHE A 248 33.66 -3.82 9.05
CA PHE A 248 32.31 -4.37 8.97
C PHE A 248 32.18 -5.22 7.70
N TRP A 249 32.73 -4.73 6.56
CA TRP A 249 32.73 -5.41 5.27
C TRP A 249 33.50 -6.74 5.32
N GLU A 250 34.70 -6.76 5.97
CA GLU A 250 35.53 -7.96 6.07
C GLU A 250 34.86 -9.03 6.95
N GLU A 251 34.26 -8.62 8.09
CA GLU A 251 33.59 -9.55 8.98
C GLU A 251 32.35 -10.15 8.30
N PHE A 252 31.57 -9.29 7.58
CA PHE A 252 30.38 -9.75 6.86
C PHE A 252 30.75 -10.72 5.73
N GLU A 253 31.78 -10.39 4.92
CA GLU A 253 32.21 -11.25 3.83
C GLU A 253 32.83 -12.58 4.32
N THR A 254 33.36 -12.61 5.55
CA THR A 254 33.86 -13.86 6.13
C THR A 254 32.66 -14.74 6.52
N LEU A 255 31.55 -14.11 6.95
CA LEU A 255 30.29 -14.80 7.28
C LEU A 255 29.69 -15.32 5.98
N GLN A 256 29.75 -14.51 4.91
CA GLN A 256 29.21 -14.90 3.62
C GLN A 256 29.93 -16.12 3.06
N GLN A 257 31.25 -16.27 3.37
CA GLN A 257 32.04 -17.39 2.88
C GLN A 257 31.58 -18.70 3.50
N GLN A 258 30.95 -18.65 4.68
CA GLN A 258 30.46 -19.85 5.38
C GLN A 258 29.07 -20.33 4.90
N GLU A 259 28.46 -19.62 3.97
CA GLU A 259 27.12 -19.98 3.50
C GLU A 259 27.08 -21.28 2.68
N CYS A 260 28.24 -21.72 2.13
CA CYS A 260 28.38 -22.94 1.33
CA CYS A 260 28.28 -22.94 1.32
C CYS A 260 28.11 -24.21 2.18
N LYS A 261 28.08 -24.07 3.53
CA LYS A 261 27.82 -25.14 4.52
C LYS A 261 26.33 -25.27 4.76
N LEU A 262 25.54 -24.33 4.22
CA LEU A 262 24.11 -24.27 4.50
C LEU A 262 23.23 -24.61 3.30
N LEU A 263 23.74 -25.44 2.38
CA LEU A 263 22.94 -25.82 1.21
C LEU A 263 22.10 -27.07 1.48
N TYR A 264 21.19 -26.99 2.49
CA TYR A 264 20.28 -28.09 2.89
C TYR A 264 19.18 -28.29 1.85
N SER A 265 18.56 -29.48 1.81
CA SER A 265 17.51 -29.73 0.84
C SER A 265 16.30 -28.85 1.08
N ARG A 266 15.74 -28.39 -0.05
CA ARG A 266 14.54 -27.59 -0.16
C ARG A 266 13.66 -28.32 -1.20
N LYS A 267 13.50 -29.66 -1.02
CA LYS A 267 12.74 -30.53 -1.95
C LYS A 267 11.24 -30.29 -1.94
N GLU A 268 10.63 -30.17 -0.76
CA GLU A 268 9.17 -29.98 -0.65
C GLU A 268 8.67 -28.75 -1.39
N GLY A 269 9.45 -27.65 -1.32
CA GLY A 269 9.11 -26.41 -2.02
C GLY A 269 9.24 -26.47 -3.53
N GLN A 270 9.84 -27.56 -4.07
CA GLN A 270 10.04 -27.77 -5.51
C GLN A 270 8.93 -28.58 -6.13
N ARG A 271 8.14 -29.29 -5.29
CA ARG A 271 7.06 -30.14 -5.76
C ARG A 271 6.10 -29.35 -6.63
N GLN A 272 5.61 -30.00 -7.71
CA GLN A 272 4.71 -29.38 -8.67
C GLN A 272 3.59 -28.57 -8.01
N GLU A 273 2.90 -29.18 -7.03
CA GLU A 273 1.78 -28.56 -6.35
C GLU A 273 2.18 -27.44 -5.34
N ASN A 274 3.49 -27.24 -5.09
CA ASN A 274 3.98 -26.21 -4.16
C ASN A 274 4.62 -25.01 -4.84
N LYS A 275 4.90 -25.12 -6.15
CA LYS A 275 5.54 -24.05 -6.93
C LYS A 275 4.82 -22.70 -6.83
N ASN A 276 3.48 -22.67 -7.00
CA ASN A 276 2.70 -21.43 -6.95
C ASN A 276 2.47 -20.89 -5.51
N LYS A 277 2.96 -21.63 -4.52
CA LYS A 277 2.86 -21.24 -3.11
C LYS A 277 4.09 -20.44 -2.68
N ASN A 278 5.05 -20.27 -3.62
CA ASN A 278 6.30 -19.53 -3.36
C ASN A 278 6.24 -18.19 -4.07
N ARG A 279 6.57 -17.11 -3.35
CA ARG A 279 6.57 -15.77 -3.92
C ARG A 279 7.70 -15.66 -4.97
N TYR A 280 8.84 -16.27 -4.65
CA TYR A 280 10.00 -16.38 -5.50
C TYR A 280 10.30 -17.85 -5.60
N LYS A 281 10.15 -18.40 -6.83
CA LYS A 281 10.33 -19.83 -7.17
C LYS A 281 11.60 -20.47 -6.61
N ASN A 282 12.72 -19.70 -6.57
CA ASN A 282 14.02 -20.19 -6.13
C ASN A 282 14.40 -19.77 -4.70
N ILE A 283 13.48 -19.18 -3.94
CA ILE A 283 13.69 -18.82 -2.52
C ILE A 283 12.74 -19.75 -1.77
N LEU A 284 13.32 -20.83 -1.24
CA LEU A 284 12.59 -21.93 -0.66
C LEU A 284 12.92 -22.22 0.76
N PRO A 285 11.95 -22.80 1.53
CA PRO A 285 12.22 -23.13 2.93
C PRO A 285 12.98 -24.48 3.07
N PHE A 286 13.94 -24.58 4.03
CA PHE A 286 14.64 -25.84 4.26
C PHE A 286 13.59 -26.83 4.75
N ASP A 287 13.63 -28.08 4.24
CA ASP A 287 12.70 -29.16 4.61
C ASP A 287 12.85 -29.53 6.08
N HIS A 288 14.07 -29.46 6.63
CA HIS A 288 14.27 -29.85 8.02
C HIS A 288 13.70 -28.87 9.04
N THR A 289 13.42 -27.60 8.66
CA THR A 289 12.83 -26.63 9.59
C THR A 289 11.49 -26.05 9.10
N ARG A 290 11.06 -26.39 7.86
CA ARG A 290 9.82 -25.85 7.32
C ARG A 290 8.63 -26.10 8.24
N VAL A 291 7.63 -25.22 8.20
CA VAL A 291 6.40 -25.41 9.00
C VAL A 291 5.50 -26.40 8.24
N VAL A 292 5.18 -27.56 8.85
CA VAL A 292 4.31 -28.58 8.23
C VAL A 292 2.87 -28.35 8.69
N LEU A 293 1.96 -28.14 7.73
CA LEU A 293 0.54 -27.87 8.05
C LEU A 293 -0.21 -29.17 8.09
N HIS A 294 -0.87 -29.42 9.22
CA HIS A 294 -1.61 -30.66 9.45
C HIS A 294 -3.14 -30.47 9.40
N ASP A 295 -3.62 -29.23 9.22
CA ASP A 295 -5.06 -28.92 9.16
C ASP A 295 -5.81 -29.81 8.11
N GLY A 296 -5.12 -30.05 7.01
CA GLY A 296 -5.46 -30.91 5.87
C GLY A 296 -6.86 -31.16 5.39
N ASP A 297 -7.23 -30.46 4.31
CA ASP A 297 -8.48 -30.68 3.59
C ASP A 297 -8.27 -32.01 2.80
N PRO A 298 -9.06 -33.07 3.06
CA PRO A 298 -8.85 -34.33 2.32
C PRO A 298 -9.52 -34.35 0.96
N PRO A 301 -4.88 -33.17 -0.57
CA PRO A 301 -4.02 -33.75 -1.63
C PRO A 301 -2.55 -33.45 -1.36
N VAL A 302 -2.26 -32.16 -1.19
CA VAL A 302 -0.95 -31.56 -0.87
C VAL A 302 -1.33 -30.26 -0.15
N SER A 303 -1.73 -30.43 1.09
CA SER A 303 -2.24 -29.39 1.95
C SER A 303 -1.29 -29.06 3.10
N ASP A 304 -0.04 -29.56 3.08
CA ASP A 304 0.92 -29.42 4.20
C ASP A 304 2.02 -28.37 4.03
N TYR A 305 2.01 -27.61 2.93
CA TYR A 305 3.07 -26.66 2.59
C TYR A 305 2.75 -25.20 2.76
N ILE A 306 3.78 -24.48 3.25
CA ILE A 306 3.81 -23.03 3.36
C ILE A 306 5.29 -22.60 3.26
N ASN A 307 5.59 -21.47 2.58
CA ASN A 307 6.98 -21.03 2.51
C ASN A 307 7.26 -20.27 3.82
N ALA A 308 7.68 -21.06 4.85
CA ALA A 308 7.91 -20.60 6.21
C ALA A 308 8.82 -21.59 6.94
N ASN A 309 9.64 -21.12 7.89
CA ASN A 309 10.53 -21.98 8.70
C ASN A 309 10.48 -21.62 10.17
N ILE A 310 10.58 -22.62 11.08
CA ILE A 310 10.68 -22.35 12.52
C ILE A 310 12.10 -21.81 12.74
N ILE A 311 12.27 -20.72 13.49
CA ILE A 311 13.60 -20.19 13.88
C ILE A 311 13.72 -20.31 15.43
N MET A 312 14.66 -21.11 15.91
CA MET A 312 14.92 -21.34 17.34
C MET A 312 16.18 -20.62 17.76
N PRO A 313 16.12 -19.74 18.77
CA PRO A 313 17.34 -19.01 19.18
C PRO A 313 18.45 -19.86 19.80
N PRO A 324 8.76 -22.82 22.11
CA PRO A 324 7.75 -22.18 21.24
C PRO A 324 7.61 -20.70 21.53
N LYS A 325 7.43 -20.33 22.81
CA LYS A 325 7.28 -18.94 23.24
C LYS A 325 8.42 -18.03 22.75
N LYS A 326 9.72 -18.42 22.86
CA LYS A 326 10.68 -17.45 22.31
C LYS A 326 11.35 -17.93 21.02
N SER A 327 10.51 -18.53 20.17
CA SER A 327 10.82 -18.98 18.84
C SER A 327 10.14 -18.04 17.86
N TYR A 328 10.46 -18.19 16.57
CA TYR A 328 9.88 -17.37 15.51
C TYR A 328 9.53 -18.25 14.38
N ILE A 329 8.66 -17.75 13.52
CA ILE A 329 8.38 -18.34 12.25
C ILE A 329 8.78 -17.22 11.28
N ALA A 330 9.77 -17.49 10.41
CA ALA A 330 10.19 -16.54 9.39
C ALA A 330 9.50 -16.97 8.08
N THR A 331 8.69 -16.07 7.51
CA THR A 331 7.90 -16.44 6.35
C THR A 331 7.86 -15.33 5.31
N GLN A 332 7.35 -15.64 4.13
CA GLN A 332 7.25 -14.68 3.04
C GLN A 332 5.94 -13.88 3.17
N GLY A 333 5.84 -12.81 2.42
CA GLY A 333 4.61 -12.04 2.31
C GLY A 333 3.59 -12.88 1.57
N CYS A 334 2.37 -12.98 2.12
CA CYS A 334 1.25 -13.75 1.58
C CYS A 334 1.01 -13.55 0.12
N LEU A 335 0.57 -14.61 -0.55
CA LEU A 335 0.13 -14.47 -1.95
C LEU A 335 -1.37 -14.62 -1.84
N GLN A 336 -2.16 -14.19 -2.87
CA GLN A 336 -3.61 -14.37 -2.77
C GLN A 336 -4.01 -15.83 -2.53
N ASN A 337 -3.24 -16.79 -3.09
CA ASN A 337 -3.49 -18.22 -2.96
C ASN A 337 -2.86 -18.88 -1.73
N THR A 338 -2.19 -18.10 -0.86
CA THR A 338 -1.58 -18.65 0.36
C THR A 338 -2.12 -18.04 1.63
N VAL A 339 -3.12 -17.13 1.50
CA VAL A 339 -3.73 -16.44 2.65
C VAL A 339 -4.36 -17.47 3.59
N ASN A 340 -5.06 -18.47 3.02
CA ASN A 340 -5.69 -19.48 3.85
C ASN A 340 -4.66 -20.29 4.60
N ASP A 341 -3.55 -20.65 3.93
CA ASP A 341 -2.43 -21.42 4.47
C ASP A 341 -1.73 -20.67 5.59
N PHE A 342 -1.60 -19.34 5.43
CA PHE A 342 -1.00 -18.46 6.43
C PHE A 342 -1.82 -18.49 7.73
N TRP A 343 -3.17 -18.42 7.61
CA TRP A 343 -4.04 -18.47 8.81
C TRP A 343 -4.06 -19.84 9.45
N ARG A 344 -3.97 -20.92 8.65
CA ARG A 344 -3.86 -22.30 9.18
C ARG A 344 -2.53 -22.40 9.98
N MET A 345 -1.45 -21.78 9.48
CA MET A 345 -0.16 -21.83 10.17
C MET A 345 -0.24 -21.11 11.52
N VAL A 346 -0.71 -19.85 11.51
CA VAL A 346 -0.90 -19.02 12.72
C VAL A 346 -1.72 -19.78 13.78
N PHE A 347 -2.85 -20.40 13.36
CA PHE A 347 -3.72 -21.16 14.25
C PHE A 347 -3.05 -22.41 14.81
N GLN A 348 -2.52 -23.27 13.93
CA GLN A 348 -1.82 -24.50 14.32
C GLN A 348 -0.67 -24.27 15.34
N GLU A 349 0.16 -23.26 15.09
CA GLU A 349 1.34 -22.95 15.88
C GLU A 349 1.05 -22.17 17.14
N ASN A 350 -0.21 -21.70 17.31
CA ASN A 350 -0.66 -20.94 18.49
C ASN A 350 0.02 -19.56 18.60
N SER A 351 0.50 -19.04 17.45
CA SER A 351 1.13 -17.71 17.38
C SER A 351 0.10 -16.64 17.72
N ARG A 352 0.52 -15.71 18.59
CA ARG A 352 -0.32 -14.63 19.10
C ARG A 352 0.16 -13.26 18.66
N VAL A 353 1.33 -13.22 18.00
CA VAL A 353 1.94 -12.00 17.53
C VAL A 353 2.49 -12.20 16.11
N ILE A 354 2.21 -11.22 15.24
CA ILE A 354 2.70 -11.19 13.86
C ILE A 354 3.46 -9.87 13.71
N VAL A 355 4.64 -9.94 13.10
CA VAL A 355 5.46 -8.79 12.81
C VAL A 355 5.52 -8.70 11.29
N MET A 356 4.97 -7.61 10.76
CA MET A 356 5.01 -7.38 9.33
C MET A 356 6.00 -6.23 9.07
N THR A 357 7.05 -6.46 8.28
CA THR A 357 8.10 -5.43 8.10
C THR A 357 8.17 -4.86 6.66
N THR A 358 7.04 -4.88 5.98
CA THR A 358 6.93 -4.34 4.62
C THR A 358 5.60 -3.61 4.49
N LYS A 359 5.49 -2.71 3.50
CA LYS A 359 4.18 -2.14 3.15
C LYS A 359 3.59 -3.18 2.23
N GLU A 360 2.28 -3.12 1.98
CA GLU A 360 1.69 -4.10 1.05
C GLU A 360 2.31 -3.95 -0.32
N VAL A 361 2.59 -2.68 -0.70
CA VAL A 361 3.09 -2.27 -1.99
C VAL A 361 4.28 -1.38 -1.78
N GLU A 362 5.39 -1.72 -2.46
CA GLU A 362 6.61 -0.92 -2.46
C GLU A 362 7.11 -0.80 -3.89
N ARG A 363 7.40 0.45 -4.34
CA ARG A 363 7.90 0.76 -5.70
C ARG A 363 6.98 0.23 -6.78
N GLY A 364 5.68 0.34 -6.54
CA GLY A 364 4.63 -0.12 -7.45
C GLY A 364 4.50 -1.62 -7.56
N LYS A 365 5.22 -2.41 -6.71
CA LYS A 365 5.15 -3.87 -6.74
C LYS A 365 4.48 -4.44 -5.46
N SER A 366 3.65 -5.46 -5.61
CA SER A 366 2.99 -6.12 -4.48
C SER A 366 4.03 -6.93 -3.70
N LYS A 367 4.16 -6.67 -2.40
CA LYS A 367 5.13 -7.34 -1.51
C LYS A 367 4.45 -8.38 -0.58
N CYS A 368 3.18 -8.12 -0.25
CA CYS A 368 2.34 -8.93 0.63
C CYS A 368 0.91 -8.54 0.35
N VAL A 369 0.05 -9.54 0.17
CA VAL A 369 -1.37 -9.21 0.00
C VAL A 369 -1.94 -8.89 1.40
N LYS A 370 -3.01 -8.09 1.43
CA LYS A 370 -3.72 -7.77 2.67
C LYS A 370 -4.42 -9.08 3.08
N TYR A 371 -3.92 -9.72 4.12
CA TYR A 371 -4.43 -11.00 4.60
C TYR A 371 -5.32 -10.81 5.83
N TRP A 372 -5.51 -9.57 6.26
CA TRP A 372 -6.35 -9.24 7.44
C TRP A 372 -7.59 -8.44 6.99
N PRO A 373 -8.71 -8.51 7.73
CA PRO A 373 -9.88 -7.68 7.34
C PRO A 373 -9.69 -6.20 7.65
N ASP A 374 -10.58 -5.33 7.10
CA ASP A 374 -10.60 -3.90 7.44
C ASP A 374 -11.02 -3.80 8.90
N GLU A 375 -10.68 -2.69 9.56
CA GLU A 375 -11.07 -2.47 10.95
C GLU A 375 -12.57 -2.67 11.11
N TYR A 376 -12.97 -3.36 12.20
CA TYR A 376 -14.37 -3.67 12.59
C TYR A 376 -15.02 -4.77 11.73
N ALA A 377 -14.34 -5.24 10.67
CA ALA A 377 -14.87 -6.27 9.79
C ALA A 377 -14.48 -7.67 10.21
N LEU A 378 -15.27 -8.64 9.75
CA LEU A 378 -15.13 -10.07 9.99
C LEU A 378 -14.99 -10.73 8.62
N LYS A 379 -14.03 -11.64 8.47
CA LYS A 379 -13.76 -12.35 7.22
C LYS A 379 -13.43 -13.81 7.48
N GLU A 380 -13.79 -14.69 6.52
CA GLU A 380 -13.48 -16.11 6.58
C GLU A 380 -12.43 -16.39 5.52
N TYR A 381 -11.35 -17.08 5.92
CA TYR A 381 -10.22 -17.44 5.07
C TYR A 381 -10.14 -18.93 5.15
N GLY A 382 -10.97 -19.61 4.34
CA GLY A 382 -11.08 -21.06 4.39
C GLY A 382 -11.84 -21.42 5.65
N VAL A 383 -11.32 -22.35 6.45
CA VAL A 383 -11.90 -22.77 7.73
C VAL A 383 -11.56 -21.82 8.91
N MET A 384 -10.76 -20.77 8.63
CA MET A 384 -10.37 -19.82 9.67
C MET A 384 -11.19 -18.54 9.54
N ARG A 385 -11.53 -17.95 10.66
CA ARG A 385 -12.30 -16.71 10.72
C ARG A 385 -11.47 -15.66 11.47
N VAL A 386 -11.35 -14.46 10.87
CA VAL A 386 -10.61 -13.37 11.50
C VAL A 386 -11.50 -12.12 11.58
N ARG A 387 -11.54 -11.54 12.78
CA ARG A 387 -12.15 -10.24 13.03
C ARG A 387 -11.02 -9.23 13.32
N ASN A 388 -11.08 -8.05 12.71
CA ASN A 388 -10.16 -6.96 13.01
C ASN A 388 -10.95 -6.12 14.00
N VAL A 389 -10.58 -6.23 15.27
CA VAL A 389 -11.23 -5.57 16.42
C VAL A 389 -10.97 -4.09 16.47
N LYS A 390 -9.68 -3.70 16.30
CA LYS A 390 -9.26 -2.32 16.45
C LYS A 390 -7.88 -2.14 15.87
N GLU A 391 -7.63 -0.98 15.25
CA GLU A 391 -6.33 -0.62 14.71
C GLU A 391 -5.81 0.61 15.44
N SER A 392 -4.54 0.61 15.84
CA SER A 392 -3.93 1.75 16.55
C SER A 392 -2.69 2.18 15.80
N ALA A 393 -2.64 3.44 15.39
CA ALA A 393 -1.54 4.00 14.63
C ALA A 393 -0.50 4.69 15.52
N ALA A 394 0.75 4.25 15.45
CA ALA A 394 1.91 4.84 16.13
C ALA A 394 2.74 5.49 15.00
N HIS A 395 3.84 6.15 15.34
CA HIS A 395 4.67 6.83 14.34
C HIS A 395 5.23 5.92 13.24
N ASP A 396 5.95 4.85 13.63
CA ASP A 396 6.59 3.92 12.70
C ASP A 396 5.78 2.70 12.33
N TYR A 397 4.67 2.45 13.05
CA TYR A 397 3.90 1.24 12.85
C TYR A 397 2.42 1.36 13.18
N THR A 398 1.65 0.36 12.73
CA THR A 398 0.25 0.22 13.08
C THR A 398 0.08 -1.11 13.80
N LEU A 399 -0.69 -1.11 14.88
CA LEU A 399 -1.07 -2.30 15.59
C LEU A 399 -2.50 -2.64 15.19
N ARG A 400 -2.77 -3.90 14.84
CA ARG A 400 -4.11 -4.39 14.51
C ARG A 400 -4.43 -5.51 15.48
N GLU A 401 -5.52 -5.35 16.21
CA GLU A 401 -5.95 -6.36 17.16
C GLU A 401 -6.86 -7.28 16.40
N LEU A 402 -6.41 -8.52 16.20
CA LEU A 402 -7.19 -9.50 15.45
C LEU A 402 -7.70 -10.61 16.34
N LYS A 403 -8.87 -11.17 16.02
CA LYS A 403 -9.43 -12.32 16.72
C LYS A 403 -9.51 -13.43 15.71
N LEU A 404 -8.74 -14.50 15.93
CA LEU A 404 -8.68 -15.66 15.06
C LEU A 404 -9.41 -16.83 15.72
N SER A 405 -10.19 -17.56 14.92
CA SER A 405 -10.89 -18.75 15.41
C SER A 405 -11.15 -19.70 14.24
N LYS A 406 -11.42 -20.95 14.54
CA LYS A 406 -11.73 -21.89 13.48
C LYS A 406 -13.26 -21.94 13.35
N VAL A 407 -13.77 -21.82 12.12
CA VAL A 407 -15.18 -21.87 11.78
C VAL A 407 -15.86 -23.14 12.41
N GLY A 408 -17.01 -22.96 13.04
CA GLY A 408 -17.74 -24.04 13.70
C GLY A 408 -17.23 -24.39 15.09
N GLN A 409 -16.25 -23.64 15.61
CA GLN A 409 -15.65 -23.87 16.92
C GLN A 409 -15.36 -22.56 17.64
N GLY A 410 -16.39 -22.02 18.30
CA GLY A 410 -16.29 -20.77 19.04
C GLY A 410 -15.15 -20.69 20.05
N ASN A 411 -15.00 -21.75 20.88
CA ASN A 411 -13.99 -21.86 21.94
C ASN A 411 -12.51 -21.86 21.48
N THR A 412 -12.24 -21.86 20.17
CA THR A 412 -10.88 -21.85 19.65
C THR A 412 -10.35 -20.42 19.47
N GLU A 413 -11.18 -19.42 19.79
CA GLU A 413 -10.84 -18.00 19.61
C GLU A 413 -9.64 -17.56 20.45
N ARG A 414 -8.74 -16.79 19.83
CA ARG A 414 -7.57 -16.20 20.47
C ARG A 414 -7.28 -14.92 19.74
N THR A 415 -6.74 -13.97 20.48
CA THR A 415 -6.35 -12.68 19.93
C THR A 415 -4.98 -12.82 19.31
N VAL A 416 -4.81 -12.27 18.11
CA VAL A 416 -3.56 -12.21 17.37
C VAL A 416 -3.25 -10.72 17.14
N TRP A 417 -2.12 -10.27 17.66
CA TRP A 417 -1.68 -8.88 17.59
C TRP A 417 -0.76 -8.70 16.39
N GLN A 418 -1.17 -7.83 15.46
CA GLN A 418 -0.40 -7.61 14.25
C GLN A 418 0.30 -6.27 14.31
N TYR A 419 1.63 -6.35 14.37
CA TYR A 419 2.54 -5.21 14.42
C TYR A 419 3.06 -4.97 13.03
N HIS A 420 2.50 -3.97 12.39
CA HIS A 420 2.86 -3.65 11.04
C HIS A 420 3.83 -2.46 10.97
N PHE A 421 5.14 -2.71 10.78
CA PHE A 421 6.15 -1.65 10.65
C PHE A 421 6.03 -1.05 9.26
N ARG A 422 5.71 0.24 9.19
CA ARG A 422 5.43 0.90 7.92
C ARG A 422 6.49 1.82 7.37
N THR A 423 7.52 2.17 8.16
CA THR A 423 8.48 3.20 7.73
C THR A 423 9.85 2.69 7.25
N TRP A 424 10.05 1.37 7.10
CA TRP A 424 11.33 0.88 6.62
C TRP A 424 11.55 1.40 5.16
N PRO A 425 12.71 2.03 4.84
CA PRO A 425 12.92 2.54 3.46
C PRO A 425 12.77 1.48 2.36
N ASP A 426 12.51 1.91 1.10
CA ASP A 426 12.40 1.01 -0.07
C ASP A 426 13.68 0.21 -0.33
N HIS A 427 14.86 0.84 -0.13
CA HIS A 427 16.20 0.25 -0.27
C HIS A 427 17.04 0.61 0.95
N GLY A 428 18.02 -0.23 1.28
CA GLY A 428 18.89 0.01 2.43
C GLY A 428 18.18 -0.16 3.76
N VAL A 429 18.69 0.49 4.78
CA VAL A 429 18.17 0.35 6.14
C VAL A 429 17.88 1.71 6.76
N PRO A 430 17.09 1.78 7.88
CA PRO A 430 16.90 3.10 8.54
C PRO A 430 18.23 3.70 8.97
N SER A 431 18.34 5.04 8.92
CA SER A 431 19.58 5.71 9.32
C SER A 431 19.79 5.71 10.85
N ASP A 432 18.71 5.48 11.64
CA ASP A 432 18.71 5.44 13.11
C ASP A 432 17.91 4.17 13.55
N PRO A 433 18.45 3.33 14.49
CA PRO A 433 17.73 2.12 14.91
C PRO A 433 16.66 2.30 16.00
N GLY A 434 16.51 3.51 16.55
CA GLY A 434 15.56 3.82 17.62
C GLY A 434 14.14 3.35 17.40
N GLY A 435 13.62 3.61 16.19
CA GLY A 435 12.27 3.24 15.78
C GLY A 435 12.05 1.73 15.79
N VAL A 436 13.03 0.98 15.26
CA VAL A 436 13.03 -0.49 15.18
C VAL A 436 13.10 -1.10 16.58
N LEU A 437 13.97 -0.54 17.46
CA LEU A 437 14.14 -1.00 18.85
C LEU A 437 12.90 -0.76 19.69
N ASP A 438 12.31 0.45 19.57
CA ASP A 438 11.08 0.81 20.29
C ASP A 438 9.94 -0.14 19.90
N PHE A 439 9.84 -0.46 18.60
CA PHE A 439 8.88 -1.39 18.01
C PHE A 439 9.08 -2.83 18.55
N LEU A 440 10.34 -3.35 18.49
CA LEU A 440 10.71 -4.67 18.99
C LEU A 440 10.47 -4.77 20.49
N GLU A 441 10.74 -3.67 21.25
CA GLU A 441 10.51 -3.67 22.70
C GLU A 441 9.00 -3.93 22.92
N GLU A 442 8.14 -3.19 22.21
CA GLU A 442 6.68 -3.36 22.28
C GLU A 442 6.22 -4.78 21.97
N VAL A 443 6.74 -5.37 20.86
CA VAL A 443 6.46 -6.74 20.39
C VAL A 443 6.86 -7.74 21.47
N HIS A 444 8.05 -7.54 22.02
CA HIS A 444 8.57 -8.41 23.06
C HIS A 444 7.64 -8.46 24.28
N HIS A 445 7.21 -7.28 24.77
CA HIS A 445 6.30 -7.18 25.93
C HIS A 445 4.94 -7.77 25.64
N LYS A 446 4.39 -7.53 24.45
CA LYS A 446 3.11 -8.17 24.09
C LYS A 446 3.27 -9.68 24.16
N GLN A 447 4.32 -10.22 23.51
CA GLN A 447 4.63 -11.65 23.51
C GLN A 447 4.78 -12.20 24.95
N GLU A 448 5.64 -11.57 25.79
CA GLU A 448 5.85 -11.96 27.19
C GLU A 448 4.56 -12.01 28.06
N SER A 449 3.62 -11.08 27.83
CA SER A 449 2.35 -10.98 28.56
C SER A 449 1.35 -12.11 28.25
N ILE A 450 1.55 -12.84 27.14
CA ILE A 450 0.60 -13.86 26.72
C ILE A 450 1.08 -15.25 27.11
N MET A 451 0.33 -15.87 28.03
CA MET A 451 0.63 -17.19 28.56
C MET A 451 0.53 -18.25 27.47
N ASP A 452 1.61 -19.04 27.35
CA ASP A 452 1.77 -20.14 26.39
C ASP A 452 1.59 -19.71 24.91
N ALA A 453 1.99 -18.48 24.58
CA ALA A 453 1.97 -17.97 23.20
C ALA A 453 2.94 -18.81 22.36
N GLY A 454 2.54 -19.16 21.15
CA GLY A 454 3.40 -19.89 20.23
C GLY A 454 4.47 -18.99 19.64
N PRO A 455 5.22 -19.46 18.62
CA PRO A 455 6.29 -18.62 18.02
C PRO A 455 5.79 -17.32 17.42
N VAL A 456 6.63 -16.28 17.41
CA VAL A 456 6.28 -14.97 16.86
C VAL A 456 6.38 -15.11 15.32
N VAL A 457 5.34 -14.69 14.59
CA VAL A 457 5.41 -14.76 13.13
C VAL A 457 6.04 -13.47 12.61
N VAL A 458 7.07 -13.60 11.77
CA VAL A 458 7.79 -12.45 11.22
C VAL A 458 7.82 -12.63 9.69
N HIS A 459 7.46 -11.60 8.94
CA HIS A 459 7.50 -11.67 7.48
C HIS A 459 7.76 -10.30 6.84
N CYS A 460 8.36 -10.32 5.63
CA CYS A 460 8.54 -9.12 4.81
C CYS A 460 8.02 -9.50 3.42
N SER A 461 8.85 -9.41 2.36
CA SER A 461 8.48 -9.84 1.00
C SER A 461 8.92 -11.32 0.84
N ALA A 462 10.24 -11.57 0.72
CA ALA A 462 10.79 -12.93 0.60
C ALA A 462 10.97 -13.61 1.98
N GLY A 463 10.90 -12.83 3.05
CA GLY A 463 11.02 -13.34 4.40
C GLY A 463 12.41 -13.75 4.82
N ILE A 464 13.43 -13.09 4.27
CA ILE A 464 14.82 -13.45 4.60
C ILE A 464 15.67 -12.23 5.00
N GLY A 465 15.43 -11.05 4.40
CA GLY A 465 16.27 -9.88 4.66
C GLY A 465 15.88 -9.09 5.88
N ARG A 466 14.82 -8.32 5.75
CA ARG A 466 14.26 -7.52 6.87
C ARG A 466 13.80 -8.49 7.95
N THR A 467 13.22 -9.63 7.54
CA THR A 467 12.78 -10.68 8.46
C THR A 467 13.94 -11.19 9.34
N GLY A 468 15.04 -11.59 8.70
CA GLY A 468 16.23 -12.08 9.40
C GLY A 468 16.86 -11.02 10.26
N THR A 469 16.87 -9.76 9.77
CA THR A 469 17.41 -8.59 10.49
C THR A 469 16.65 -8.33 11.79
N PHE A 470 15.30 -8.25 11.74
CA PHE A 470 14.43 -8.06 12.92
C PHE A 470 14.60 -9.21 13.91
N ILE A 471 14.62 -10.46 13.41
CA ILE A 471 14.80 -11.67 14.25
C ILE A 471 16.16 -11.69 14.94
N VAL A 472 17.27 -11.42 14.19
CA VAL A 472 18.63 -11.43 14.77
C VAL A 472 18.75 -10.33 15.85
N ILE A 473 18.25 -9.09 15.61
CA ILE A 473 18.24 -8.01 16.60
C ILE A 473 17.45 -8.47 17.85
N ASP A 474 16.26 -9.04 17.63
CA ASP A 474 15.43 -9.53 18.73
C ASP A 474 16.11 -10.63 19.55
N ILE A 475 16.91 -11.52 18.91
CA ILE A 475 17.63 -12.60 19.61
C ILE A 475 18.75 -12.02 20.51
N LEU A 476 19.56 -11.14 19.92
CA LEU A 476 20.69 -10.47 20.54
C LEU A 476 20.30 -9.62 21.71
N ILE A 477 19.21 -8.84 21.53
CA ILE A 477 18.67 -7.99 22.57
C ILE A 477 18.12 -8.83 23.71
N ASP A 478 17.53 -10.00 23.40
CA ASP A 478 16.97 -10.90 24.42
C ASP A 478 18.05 -11.44 25.36
N ILE A 479 19.29 -11.65 24.87
CA ILE A 479 20.42 -12.15 25.69
C ILE A 479 20.76 -11.07 26.74
N ILE A 480 20.78 -9.79 26.31
CA ILE A 480 21.05 -8.64 27.16
C ILE A 480 19.93 -8.45 28.20
N ARG A 481 18.68 -8.83 27.88
CA ARG A 481 17.52 -8.76 28.80
C ARG A 481 17.71 -9.76 29.93
N GLU A 482 18.01 -11.02 29.56
CA GLU A 482 18.18 -12.14 30.46
C GLU A 482 19.47 -12.09 31.30
N LYS A 483 20.63 -11.99 30.63
CA LYS A 483 21.95 -12.05 31.25
C LYS A 483 22.56 -10.68 31.63
N GLY A 484 22.01 -9.58 31.13
CA GLY A 484 22.48 -8.22 31.46
C GLY A 484 23.61 -7.71 30.58
N VAL A 485 24.06 -6.45 30.83
CA VAL A 485 25.12 -5.76 30.10
C VAL A 485 26.46 -6.55 30.14
N ASP A 486 26.69 -7.38 31.17
CA ASP A 486 27.86 -8.24 31.27
C ASP A 486 27.50 -9.63 30.77
N CYS A 487 27.36 -9.73 29.44
CA CYS A 487 27.10 -10.99 28.73
C CYS A 487 27.92 -10.98 27.47
N ASP A 488 28.12 -12.16 26.89
CA ASP A 488 28.85 -12.33 25.64
C ASP A 488 27.88 -12.37 24.48
N ILE A 489 28.17 -11.57 23.44
CA ILE A 489 27.39 -11.59 22.21
C ILE A 489 28.34 -11.85 21.06
N ASP A 490 27.90 -12.66 20.10
CA ASP A 490 28.66 -13.00 18.91
C ASP A 490 27.71 -12.91 17.72
N VAL A 491 27.69 -11.73 17.05
CA VAL A 491 26.77 -11.39 15.94
C VAL A 491 26.84 -12.40 14.74
N PRO A 492 28.03 -12.68 14.10
CA PRO A 492 28.03 -13.64 12.98
C PRO A 492 27.68 -15.04 13.46
N LYS A 493 28.02 -15.40 14.73
CA LYS A 493 27.63 -16.70 15.25
C LYS A 493 26.11 -16.83 15.29
N THR A 494 25.42 -15.80 15.78
CA THR A 494 23.96 -15.76 15.90
C THR A 494 23.35 -15.81 14.49
N ILE A 495 23.91 -15.02 13.54
CA ILE A 495 23.42 -15.00 12.16
C ILE A 495 23.58 -16.37 11.52
N GLN A 496 24.78 -16.98 11.58
CA GLN A 496 25.02 -18.35 11.02
C GLN A 496 24.00 -19.38 11.55
N MET A 497 23.72 -19.32 12.85
CA MET A 497 22.76 -20.19 13.55
C MET A 497 21.32 -20.01 12.95
N VAL A 498 20.93 -18.76 12.67
CA VAL A 498 19.64 -18.43 12.09
C VAL A 498 19.56 -18.85 10.62
N ARG A 499 20.67 -18.68 9.89
CA ARG A 499 20.78 -19.05 8.48
C ARG A 499 20.74 -20.57 8.22
N SER A 500 21.02 -21.40 9.24
CA SER A 500 20.95 -22.85 9.07
C SER A 500 19.47 -23.32 9.20
N GLN A 501 18.60 -22.39 9.61
CA GLN A 501 17.16 -22.61 9.81
C GLN A 501 16.29 -22.02 8.65
N ARG A 502 16.80 -21.05 7.90
CA ARG A 502 16.14 -20.48 6.72
C ARG A 502 17.22 -19.80 5.89
N SER A 503 17.21 -20.05 4.59
CA SER A 503 18.22 -19.52 3.66
C SER A 503 18.36 -18.01 3.68
N GLY A 504 19.60 -17.53 3.70
CA GLY A 504 19.94 -16.12 3.58
C GLY A 504 19.34 -15.14 4.56
N MET A 505 19.04 -15.58 5.77
CA MET A 505 18.57 -14.71 6.84
C MET A 505 19.66 -13.66 7.04
N VAL A 506 19.30 -12.35 6.90
CA VAL A 506 20.23 -11.20 6.87
C VAL A 506 20.91 -11.20 5.49
N GLN A 507 20.45 -10.30 4.64
CA GLN A 507 20.85 -10.23 3.24
C GLN A 507 22.06 -9.38 2.93
N THR A 508 22.20 -8.22 3.58
CA THR A 508 23.25 -7.29 3.19
C THR A 508 24.15 -6.83 4.32
N GLU A 509 25.26 -6.21 3.92
CA GLU A 509 26.25 -5.63 4.80
C GLU A 509 25.61 -4.45 5.55
N ALA A 510 24.70 -3.72 4.87
CA ALA A 510 23.98 -2.58 5.46
C ALA A 510 23.12 -3.07 6.65
N GLN A 511 22.43 -4.22 6.51
CA GLN A 511 21.62 -4.84 7.58
C GLN A 511 22.56 -5.36 8.70
N TYR A 512 23.71 -5.92 8.32
CA TYR A 512 24.73 -6.42 9.24
C TYR A 512 25.21 -5.29 10.14
N ARG A 513 25.56 -4.13 9.55
CA ARG A 513 25.97 -2.94 10.29
C ARG A 513 24.74 -2.42 11.12
N PHE A 514 23.52 -2.54 10.57
CA PHE A 514 22.33 -2.10 11.28
C PHE A 514 22.10 -2.87 12.59
N ILE A 515 22.36 -4.18 12.56
CA ILE A 515 22.26 -5.08 13.72
C ILE A 515 23.25 -4.63 14.82
N TYR A 516 24.52 -4.37 14.45
CA TYR A 516 25.51 -3.87 15.41
C TYR A 516 25.08 -2.53 15.99
N MET A 517 24.58 -1.60 15.12
CA MET A 517 24.08 -0.27 15.51
C MET A 517 22.87 -0.36 16.44
N ALA A 518 21.99 -1.34 16.23
CA ALA A 518 20.79 -1.54 17.05
C ALA A 518 21.16 -2.02 18.45
N VAL A 519 22.03 -3.03 18.52
CA VAL A 519 22.54 -3.60 19.77
C VAL A 519 23.27 -2.49 20.59
N GLN A 520 24.10 -1.67 19.90
CA GLN A 520 24.84 -0.56 20.48
C GLN A 520 23.87 0.45 21.10
N HIS A 521 22.80 0.80 20.36
CA HIS A 521 21.75 1.73 20.79
C HIS A 521 20.96 1.17 21.98
N TYR A 522 20.66 -0.13 21.98
CA TYR A 522 19.93 -0.75 23.12
C TYR A 522 20.74 -0.70 24.44
N ILE A 523 22.07 -0.91 24.36
CA ILE A 523 23.01 -0.89 25.49
C ILE A 523 23.23 0.56 26.00
N GLU A 524 23.27 1.55 25.07
CA GLU A 524 23.43 2.97 25.40
C GLU A 524 22.21 3.52 26.18
N THR A 525 21.00 2.96 25.93
CA THR A 525 19.74 3.39 26.58
C THR A 525 19.43 2.56 27.85
N LEU A 526 20.37 1.69 28.24
CA LEU A 526 20.24 0.83 29.41
C LEU A 526 20.78 1.49 30.69
N ARG B 5 -36.44 20.34 -2.53
CA ARG B 5 -36.07 18.98 -2.09
C ARG B 5 -36.63 18.66 -0.70
N ARG B 6 -37.77 19.29 -0.32
CA ARG B 6 -38.42 19.12 0.97
C ARG B 6 -38.95 17.68 1.17
N TRP B 7 -39.18 16.93 0.05
CA TRP B 7 -39.67 15.53 0.07
C TRP B 7 -38.68 14.55 0.73
N PHE B 8 -37.40 14.95 0.92
CA PHE B 8 -36.42 14.10 1.57
C PHE B 8 -36.39 14.29 3.11
N HIS B 9 -36.66 13.20 3.86
CA HIS B 9 -36.65 13.26 5.34
C HIS B 9 -35.38 12.59 5.88
N PRO B 10 -34.37 13.36 6.35
CA PRO B 10 -33.11 12.73 6.79
C PRO B 10 -33.15 11.86 8.04
N ASN B 11 -34.08 12.13 8.97
CA ASN B 11 -34.14 11.44 10.27
C ASN B 11 -35.43 10.66 10.53
N ILE B 12 -36.14 10.24 9.48
CA ILE B 12 -37.39 9.51 9.65
C ILE B 12 -37.19 7.99 9.47
N THR B 13 -37.89 7.21 10.33
CA THR B 13 -37.90 5.74 10.30
C THR B 13 -39.00 5.32 9.34
N GLY B 14 -39.05 4.03 9.03
CA GLY B 14 -40.07 3.44 8.18
C GLY B 14 -41.45 3.63 8.75
N VAL B 15 -41.62 3.33 10.05
CA VAL B 15 -42.89 3.47 10.79
C VAL B 15 -43.31 4.96 10.81
N GLU B 16 -42.36 5.88 11.11
CA GLU B 16 -42.60 7.33 11.11
C GLU B 16 -43.07 7.84 9.74
N ALA B 17 -42.39 7.45 8.65
CA ALA B 17 -42.75 7.80 7.27
C ALA B 17 -44.18 7.32 6.95
N GLU B 18 -44.45 6.05 7.29
CA GLU B 18 -45.71 5.33 7.10
C GLU B 18 -46.89 6.09 7.73
N ASN B 19 -46.75 6.45 9.03
CA ASN B 19 -47.78 7.20 9.75
C ASN B 19 -47.94 8.63 9.23
N LEU B 20 -46.81 9.32 8.95
CA LEU B 20 -46.78 10.68 8.38
C LEU B 20 -47.56 10.74 7.05
N LEU B 21 -47.40 9.71 6.19
CA LEU B 21 -48.11 9.58 4.92
C LEU B 21 -49.61 9.31 5.09
N LEU B 22 -49.99 8.56 6.14
CA LEU B 22 -51.39 8.22 6.38
C LEU B 22 -52.15 9.34 7.11
N THR B 23 -51.49 10.06 8.02
CA THR B 23 -52.12 11.13 8.80
C THR B 23 -52.01 12.53 8.17
N ARG B 24 -50.93 12.80 7.42
CA ARG B 24 -50.69 14.12 6.82
C ARG B 24 -50.68 14.13 5.29
N GLY B 25 -50.74 12.95 4.68
CA GLY B 25 -50.73 12.80 3.22
C GLY B 25 -51.98 12.17 2.62
N VAL B 26 -51.97 12.04 1.30
CA VAL B 26 -53.09 11.50 0.51
C VAL B 26 -52.55 10.51 -0.52
N ASP B 27 -53.44 9.91 -1.34
CA ASP B 27 -53.01 8.99 -2.38
C ASP B 27 -52.22 9.75 -3.42
N GLY B 28 -50.99 9.30 -3.65
CA GLY B 28 -50.05 9.96 -4.55
C GLY B 28 -48.99 10.73 -3.78
N SER B 29 -49.16 10.85 -2.43
CA SER B 29 -48.20 11.50 -1.56
C SER B 29 -46.96 10.63 -1.41
N PHE B 30 -45.78 11.28 -1.36
CA PHE B 30 -44.53 10.53 -1.24
C PHE B 30 -43.47 11.31 -0.50
N LEU B 31 -42.43 10.58 -0.12
CA LEU B 31 -41.24 11.07 0.52
C LEU B 31 -40.12 10.05 0.24
N ALA B 32 -38.88 10.48 0.43
CA ALA B 32 -37.69 9.65 0.30
C ALA B 32 -36.94 9.85 1.60
N ARG B 33 -36.27 8.81 2.09
CA ARG B 33 -35.56 8.86 3.38
C ARG B 33 -34.34 7.92 3.35
N PRO B 34 -33.39 7.99 4.30
CA PRO B 34 -32.31 6.97 4.29
C PRO B 34 -32.89 5.63 4.72
N SER B 35 -32.33 4.54 4.22
CA SER B 35 -32.75 3.22 4.66
C SER B 35 -32.15 2.99 6.07
N LYS B 36 -32.96 2.45 7.00
CA LYS B 36 -32.47 2.19 8.36
C LYS B 36 -31.95 0.75 8.47
N SER B 37 -32.57 -0.17 7.72
CA SER B 37 -32.19 -1.57 7.68
C SER B 37 -30.86 -1.79 6.93
N ASN B 38 -30.59 -0.99 5.87
CA ASN B 38 -29.36 -1.07 5.09
C ASN B 38 -28.69 0.31 4.92
N PRO B 39 -27.91 0.77 5.94
CA PRO B 39 -27.26 2.09 5.84
C PRO B 39 -26.43 2.25 4.58
N GLY B 40 -26.70 3.33 3.85
CA GLY B 40 -26.12 3.63 2.55
C GLY B 40 -27.20 3.61 1.48
N ASP B 41 -28.27 2.81 1.73
CA ASP B 41 -29.39 2.72 0.81
C ASP B 41 -30.41 3.81 1.16
N PHE B 42 -31.45 3.94 0.33
CA PHE B 42 -32.51 4.93 0.51
C PHE B 42 -33.82 4.25 0.23
N THR B 43 -34.91 4.81 0.76
CA THR B 43 -36.25 4.26 0.54
C THR B 43 -37.20 5.35 0.03
N LEU B 44 -37.96 5.01 -1.00
CA LEU B 44 -39.00 5.87 -1.50
C LEU B 44 -40.31 5.36 -0.87
N SER B 45 -40.95 6.16 0.01
CA SER B 45 -42.22 5.75 0.64
C SER B 45 -43.39 6.50 -0.02
N VAL B 46 -44.30 5.74 -0.69
CA VAL B 46 -45.42 6.23 -1.49
C VAL B 46 -46.76 5.74 -0.95
N ARG B 47 -47.74 6.66 -0.86
CA ARG B 47 -49.08 6.30 -0.47
C ARG B 47 -49.93 6.07 -1.70
N ARG B 48 -50.58 4.91 -1.77
CA ARG B 48 -51.51 4.50 -2.82
C ARG B 48 -52.62 3.63 -2.19
N ASN B 49 -53.89 3.91 -2.56
CA ASN B 49 -55.10 3.21 -2.09
C ASN B 49 -55.14 3.03 -0.56
N GLY B 50 -54.86 4.12 0.18
CA GLY B 50 -54.85 4.14 1.64
C GLY B 50 -53.75 3.31 2.30
N ALA B 51 -52.83 2.76 1.50
CA ALA B 51 -51.71 1.94 1.96
C ALA B 51 -50.36 2.60 1.60
N VAL B 52 -49.33 2.30 2.40
CA VAL B 52 -47.98 2.80 2.20
C VAL B 52 -47.07 1.67 1.69
N THR B 53 -46.29 1.98 0.64
CA THR B 53 -45.32 1.08 0.05
C THR B 53 -43.93 1.71 0.17
N HIS B 54 -42.92 0.86 0.46
CA HIS B 54 -41.52 1.24 0.64
C HIS B 54 -40.68 0.62 -0.46
N ILE B 55 -40.21 1.47 -1.39
CA ILE B 55 -39.41 1.06 -2.54
C ILE B 55 -37.95 1.31 -2.26
N LYS B 56 -37.12 0.27 -2.38
CA LYS B 56 -35.69 0.36 -2.12
C LYS B 56 -34.93 1.07 -3.27
N ILE B 57 -33.98 1.95 -2.89
CA ILE B 57 -33.04 2.64 -3.79
C ILE B 57 -31.65 2.30 -3.29
N GLN B 58 -30.90 1.55 -4.08
CA GLN B 58 -29.54 1.18 -3.70
C GLN B 58 -28.54 2.12 -4.33
N ASN B 59 -27.44 2.38 -3.59
CA ASN B 59 -26.30 3.12 -4.10
C ASN B 59 -25.03 2.55 -3.53
N THR B 60 -24.37 1.73 -4.34
CA THR B 60 -23.10 1.08 -4.00
C THR B 60 -21.93 1.99 -4.34
N GLY B 61 -22.15 3.04 -5.16
CA GLY B 61 -21.12 4.01 -5.51
C GLY B 61 -21.14 4.52 -6.93
N ASP B 62 -21.98 3.91 -7.78
CA ASP B 62 -22.06 4.18 -9.21
C ASP B 62 -23.26 5.00 -9.66
N TYR B 63 -24.46 4.74 -9.09
CA TYR B 63 -25.74 5.37 -9.41
C TYR B 63 -26.81 4.96 -8.38
N TYR B 64 -27.95 5.67 -8.38
CA TYR B 64 -29.09 5.32 -7.52
C TYR B 64 -29.91 4.35 -8.33
N ASP B 65 -30.03 3.13 -7.83
CA ASP B 65 -30.72 2.04 -8.50
C ASP B 65 -32.04 1.76 -7.78
N LEU B 66 -33.13 2.23 -8.38
CA LEU B 66 -34.48 2.07 -7.86
C LEU B 66 -35.06 0.72 -8.29
N TYR B 67 -35.44 -0.10 -7.29
CA TYR B 67 -35.98 -1.46 -7.51
C TYR B 67 -37.26 -1.42 -8.32
N GLY B 68 -37.27 -2.20 -9.39
CA GLY B 68 -38.38 -2.28 -10.34
C GLY B 68 -38.51 -1.03 -11.20
N GLY B 69 -37.45 -0.20 -11.18
CA GLY B 69 -37.39 1.06 -11.92
C GLY B 69 -36.07 1.25 -12.61
N GLU B 70 -35.68 2.52 -12.81
CA GLU B 70 -34.45 2.86 -13.52
C GLU B 70 -33.31 3.35 -12.62
N LYS B 71 -32.15 3.61 -13.26
CA LYS B 71 -30.93 4.07 -12.60
C LYS B 71 -30.78 5.56 -12.84
N PHE B 72 -30.43 6.30 -11.79
CA PHE B 72 -30.37 7.75 -11.83
C PHE B 72 -29.09 8.34 -11.22
N ALA B 73 -28.73 9.58 -11.65
CA ALA B 73 -27.57 10.30 -11.14
C ALA B 73 -27.75 10.92 -9.75
N THR B 74 -28.96 11.36 -9.39
CA THR B 74 -29.28 11.94 -8.06
C THR B 74 -30.74 11.55 -7.68
N LEU B 75 -31.13 11.68 -6.39
CA LEU B 75 -32.53 11.46 -5.96
C LEU B 75 -33.46 12.55 -6.55
N ALA B 76 -32.96 13.80 -6.66
CA ALA B 76 -33.73 14.92 -7.22
C ALA B 76 -34.05 14.67 -8.71
N GLU B 77 -33.10 14.09 -9.47
CA GLU B 77 -33.33 13.73 -10.89
C GLU B 77 -34.31 12.57 -11.02
N LEU B 78 -34.24 11.62 -10.08
CA LEU B 78 -35.17 10.49 -10.00
C LEU B 78 -36.61 11.02 -9.78
N VAL B 79 -36.81 11.86 -8.74
CA VAL B 79 -38.11 12.44 -8.39
C VAL B 79 -38.59 13.32 -9.54
N GLN B 80 -37.71 14.17 -10.14
CA GLN B 80 -38.11 15.00 -11.28
C GLN B 80 -38.62 14.10 -12.40
N TYR B 81 -37.93 12.97 -12.65
CA TYR B 81 -38.30 12.03 -13.71
C TYR B 81 -39.63 11.33 -13.45
N TYR B 82 -39.83 10.79 -12.27
CA TYR B 82 -41.11 10.09 -12.05
C TYR B 82 -42.31 11.03 -11.87
N MET B 83 -42.10 12.25 -11.36
CA MET B 83 -43.22 13.19 -11.24
C MET B 83 -43.72 13.62 -12.64
N GLU B 84 -42.81 13.73 -13.61
CA GLU B 84 -43.11 14.14 -14.98
C GLU B 84 -43.58 12.99 -15.87
N HIS B 85 -43.10 11.76 -15.63
CA HIS B 85 -43.39 10.59 -16.46
C HIS B 85 -44.24 9.57 -15.70
N HIS B 86 -45.55 9.84 -15.59
CA HIS B 86 -46.52 8.98 -14.92
C HIS B 86 -46.78 7.74 -15.77
N GLY B 87 -46.81 6.57 -15.11
CA GLY B 87 -46.98 5.29 -15.77
C GLY B 87 -45.67 4.54 -15.95
N GLN B 88 -44.53 5.26 -15.88
CA GLN B 88 -43.19 4.70 -16.02
C GLN B 88 -42.69 3.92 -14.80
N LEU B 89 -43.14 4.27 -13.57
CA LEU B 89 -42.71 3.57 -12.34
C LEU B 89 -43.62 2.36 -12.01
N ASP B 95 -47.89 -3.03 -11.54
CA ASP B 95 -48.84 -2.03 -11.08
C ASP B 95 -48.19 -0.65 -11.08
N VAL B 96 -48.85 0.31 -11.75
CA VAL B 96 -48.37 1.69 -11.86
C VAL B 96 -48.51 2.44 -10.52
N ILE B 97 -47.39 2.97 -10.04
CA ILE B 97 -47.31 3.72 -8.79
C ILE B 97 -46.92 5.17 -9.11
N GLU B 98 -47.80 6.12 -8.73
CA GLU B 98 -47.65 7.54 -9.02
C GLU B 98 -47.08 8.39 -7.90
N LEU B 99 -46.14 9.31 -8.25
CA LEU B 99 -45.53 10.30 -7.36
C LEU B 99 -46.21 11.61 -7.74
N LYS B 100 -47.14 12.07 -6.90
CA LYS B 100 -47.91 13.28 -7.19
C LYS B 100 -47.64 14.39 -6.20
N TYR B 101 -47.72 14.09 -4.90
CA TYR B 101 -47.58 15.09 -3.87
C TYR B 101 -46.39 14.91 -2.95
N PRO B 102 -45.31 15.72 -3.11
CA PRO B 102 -44.20 15.62 -2.16
C PRO B 102 -44.68 15.98 -0.75
N LEU B 103 -44.29 15.15 0.23
CA LEU B 103 -44.63 15.38 1.63
C LEU B 103 -43.42 16.07 2.23
N ASN B 104 -43.57 17.34 2.55
CA ASN B 104 -42.51 18.20 3.05
C ASN B 104 -42.02 17.85 4.44
N CYS B 105 -40.73 18.04 4.61
CA CYS B 105 -40.01 17.83 5.85
C CYS B 105 -39.77 19.16 6.51
N ALA B 106 -40.06 19.26 7.81
CA ALA B 106 -39.89 20.47 8.61
C ALA B 106 -38.52 20.51 9.29
N ASP B 107 -37.85 19.34 9.33
CA ASP B 107 -36.54 19.14 9.96
C ASP B 107 -35.48 20.07 9.36
N PRO B 108 -34.82 20.93 10.18
CA PRO B 108 -33.81 21.83 9.63
C PRO B 108 -32.37 21.29 9.67
N THR B 109 -32.16 19.99 9.99
CA THR B 109 -30.80 19.41 10.14
C THR B 109 -29.96 19.48 8.87
N SER B 110 -30.59 19.38 7.69
CA SER B 110 -29.91 19.43 6.39
C SER B 110 -29.81 20.83 5.77
N GLU B 111 -30.07 21.88 6.58
CA GLU B 111 -29.99 23.26 6.12
C GLU B 111 -28.59 23.81 6.35
N ARG B 112 -28.04 24.56 5.36
CA ARG B 112 -26.70 25.16 5.40
C ARG B 112 -26.52 26.11 6.57
N TRP B 113 -27.59 26.83 6.92
CA TRP B 113 -27.60 27.81 8.01
C TRP B 113 -27.93 27.27 9.42
N PHE B 114 -28.42 26.01 9.54
CA PHE B 114 -28.80 25.48 10.87
C PHE B 114 -27.63 24.84 11.63
N HIS B 115 -27.35 25.33 12.84
CA HIS B 115 -26.22 24.88 13.66
C HIS B 115 -26.57 24.31 15.03
N GLY B 116 -27.81 23.86 15.22
CA GLY B 116 -28.30 23.26 16.46
C GLY B 116 -27.80 23.93 17.73
N HIS B 117 -27.00 23.18 18.52
CA HIS B 117 -26.42 23.71 19.76
C HIS B 117 -25.22 24.59 19.44
N LEU B 118 -25.37 25.91 19.64
CA LEU B 118 -24.35 26.90 19.38
C LEU B 118 -24.62 28.13 20.26
N SER B 119 -23.60 28.62 20.94
CA SER B 119 -23.70 29.78 21.82
C SER B 119 -23.71 31.07 21.01
N GLY B 120 -24.21 32.15 21.61
CA GLY B 120 -24.28 33.47 21.00
C GLY B 120 -22.93 34.13 20.83
N ALA B 123 -21.48 31.99 17.93
CA ALA B 123 -22.08 32.51 16.72
C ALA B 123 -21.42 33.79 16.27
N GLU B 124 -21.13 34.71 17.22
CA GLU B 124 -20.52 36.02 16.99
C GLU B 124 -19.04 35.91 16.59
N LYS B 125 -18.31 34.92 17.14
CA LYS B 125 -16.90 34.71 16.81
C LYS B 125 -16.83 34.31 15.33
N LEU B 126 -17.59 33.24 14.98
CA LEU B 126 -17.70 32.71 13.63
C LEU B 126 -18.13 33.76 12.60
N LEU B 127 -19.14 34.61 12.94
CA LEU B 127 -19.59 35.68 12.05
C LEU B 127 -18.59 36.82 11.90
N THR B 128 -17.78 37.07 12.94
CA THR B 128 -16.75 38.11 12.89
C THR B 128 -15.53 37.63 12.09
N GLU B 129 -15.09 36.38 12.34
CA GLU B 129 -13.93 35.73 11.71
C GLU B 129 -14.15 35.36 10.25
N LYS B 130 -15.19 34.55 9.98
CA LYS B 130 -15.54 33.99 8.66
C LYS B 130 -16.60 34.80 7.87
N GLY B 131 -17.58 35.37 8.58
CA GLY B 131 -18.69 36.10 7.98
C GLY B 131 -18.36 37.39 7.27
N LYS B 132 -19.29 37.83 6.42
CA LYS B 132 -19.32 39.08 5.65
C LYS B 132 -20.79 39.60 5.66
N HIS B 133 -21.13 40.65 4.90
CA HIS B 133 -22.49 41.21 4.86
C HIS B 133 -23.54 40.20 4.33
N GLY B 134 -24.57 39.99 5.12
CA GLY B 134 -25.65 39.06 4.80
C GLY B 134 -25.45 37.66 5.30
N SER B 135 -24.28 37.38 5.94
CA SER B 135 -23.99 36.04 6.47
C SER B 135 -24.87 35.77 7.67
N PHE B 136 -25.50 34.60 7.71
CA PHE B 136 -26.42 34.30 8.79
C PHE B 136 -26.38 32.85 9.21
N LEU B 137 -26.98 32.58 10.36
CA LEU B 137 -27.13 31.23 10.90
C LEU B 137 -28.33 31.24 11.85
N VAL B 138 -28.87 30.04 12.08
CA VAL B 138 -29.97 29.80 13.01
C VAL B 138 -29.44 28.73 13.95
N ARG B 139 -29.55 29.01 15.27
CA ARG B 139 -29.11 28.15 16.38
C ARG B 139 -30.24 28.00 17.41
N GLU B 140 -30.14 26.99 18.28
CA GLU B 140 -31.08 26.73 19.38
C GLU B 140 -30.87 27.79 20.44
N PRO B 145 -35.02 29.00 25.84
CA PRO B 145 -34.95 27.54 25.77
C PRO B 145 -36.16 26.97 25.03
N GLY B 146 -35.90 26.07 24.07
CA GLY B 146 -36.90 25.47 23.18
C GLY B 146 -37.11 26.33 21.92
N ASP B 147 -36.66 27.58 22.02
CA ASP B 147 -36.71 28.61 20.98
C ASP B 147 -35.41 28.57 20.13
N PHE B 148 -35.28 29.52 19.21
CA PHE B 148 -34.13 29.62 18.32
C PHE B 148 -33.68 31.05 18.20
N VAL B 149 -32.51 31.27 17.57
CA VAL B 149 -31.95 32.60 17.38
C VAL B 149 -31.44 32.66 15.96
N LEU B 150 -31.77 33.72 15.23
CA LEU B 150 -31.28 33.99 13.88
C LEU B 150 -30.23 35.08 14.05
N SER B 151 -28.97 34.74 13.81
CA SER B 151 -27.86 35.68 13.94
C SER B 151 -27.36 36.07 12.56
N VAL B 152 -27.35 37.38 12.28
CA VAL B 152 -27.01 37.97 10.99
C VAL B 152 -25.92 38.99 11.18
N ARG B 153 -25.04 39.12 10.18
CA ARG B 153 -23.99 40.12 10.13
C ARG B 153 -24.39 41.11 9.01
N THR B 154 -24.19 42.44 9.24
CA THR B 154 -24.52 43.49 8.26
C THR B 154 -23.39 44.50 8.03
N SER B 166 -19.54 47.40 10.46
CA SER B 166 -20.11 46.05 10.58
C SER B 166 -20.49 45.65 12.02
N LYS B 167 -21.53 44.82 12.15
CA LYS B 167 -22.10 44.35 13.43
C LYS B 167 -22.82 42.99 13.28
N VAL B 168 -23.21 42.39 14.41
CA VAL B 168 -23.97 41.13 14.46
C VAL B 168 -25.32 41.36 15.20
N THR B 169 -26.45 41.14 14.50
CA THR B 169 -27.80 41.27 15.06
C THR B 169 -28.37 39.88 15.38
N HIS B 170 -28.92 39.73 16.61
CA HIS B 170 -29.57 38.49 17.04
C HIS B 170 -31.08 38.72 17.06
N VAL B 171 -31.83 37.84 16.42
CA VAL B 171 -33.29 37.90 16.29
C VAL B 171 -33.87 36.65 16.95
N MET B 172 -34.63 36.83 18.04
CA MET B 172 -35.26 35.71 18.75
C MET B 172 -36.36 35.06 17.92
N ILE B 173 -36.37 33.73 17.89
CA ILE B 173 -37.34 32.96 17.14
C ILE B 173 -38.05 32.11 18.16
N ARG B 174 -39.33 32.40 18.38
CA ARG B 174 -40.06 31.61 19.37
C ARG B 174 -40.78 30.45 18.76
N CYS B 175 -40.82 29.34 19.49
CA CYS B 175 -41.52 28.14 19.05
C CYS B 175 -42.80 28.04 19.86
N GLN B 176 -43.93 28.37 19.23
CA GLN B 176 -45.22 28.34 19.89
C GLN B 176 -46.12 27.36 19.17
N GLU B 177 -46.56 26.31 19.88
CA GLU B 177 -47.45 25.23 19.40
C GLU B 177 -47.02 24.66 18.03
N LEU B 178 -45.73 24.25 17.92
CA LEU B 178 -45.07 23.71 16.71
C LEU B 178 -44.91 24.74 15.57
N LYS B 179 -45.22 26.02 15.85
CA LYS B 179 -45.09 27.09 14.86
C LYS B 179 -44.01 28.10 15.27
N TYR B 180 -43.32 28.68 14.29
CA TYR B 180 -42.20 29.60 14.53
C TYR B 180 -42.50 31.01 14.09
N ASP B 181 -42.10 32.00 14.91
CA ASP B 181 -42.29 33.42 14.61
C ASP B 181 -41.16 34.31 15.18
N VAL B 182 -40.99 35.54 14.64
CA VAL B 182 -39.95 36.48 15.13
C VAL B 182 -40.55 37.53 16.12
N GLY B 183 -41.54 37.09 16.90
CA GLY B 183 -42.21 37.93 17.90
C GLY B 183 -43.50 38.57 17.43
N GLY B 184 -43.72 38.62 16.12
CA GLY B 184 -44.91 39.21 15.50
C GLY B 184 -45.05 38.81 14.05
N GLY B 185 -46.23 39.06 13.49
CA GLY B 185 -46.53 38.75 12.10
C GLY B 185 -46.93 37.31 11.89
N GLU B 186 -46.45 36.70 10.79
CA GLU B 186 -46.77 35.33 10.42
C GLU B 186 -46.14 34.28 11.34
N ARG B 187 -46.80 33.12 11.41
CA ARG B 187 -46.35 31.97 12.19
C ARG B 187 -46.10 30.85 11.18
N PHE B 188 -44.86 30.32 11.14
CA PHE B 188 -44.42 29.33 10.16
C PHE B 188 -44.42 27.88 10.66
N ASP B 189 -44.64 26.92 9.75
CA ASP B 189 -44.67 25.48 10.09
C ASP B 189 -43.28 24.85 10.28
N SER B 190 -42.22 25.54 9.81
CA SER B 190 -40.82 25.10 9.88
C SER B 190 -39.90 26.31 9.92
N LEU B 191 -38.64 26.12 10.39
CA LEU B 191 -37.62 27.17 10.40
C LEU B 191 -37.26 27.51 8.94
N THR B 192 -37.29 26.50 8.06
CA THR B 192 -37.02 26.68 6.63
C THR B 192 -37.93 27.76 6.05
N ASP B 193 -39.27 27.63 6.23
CA ASP B 193 -40.30 28.56 5.75
C ASP B 193 -40.11 29.96 6.34
N LEU B 194 -39.80 30.04 7.64
CA LEU B 194 -39.50 31.29 8.34
C LEU B 194 -38.28 31.96 7.67
N VAL B 195 -37.18 31.20 7.47
CA VAL B 195 -35.95 31.70 6.85
C VAL B 195 -36.21 32.14 5.42
N GLU B 196 -36.94 31.31 4.64
CA GLU B 196 -37.29 31.59 3.26
C GLU B 196 -38.09 32.88 3.15
N HIS B 197 -39.04 33.09 4.07
CA HIS B 197 -39.84 34.32 4.11
C HIS B 197 -38.97 35.55 4.35
N TYR B 198 -38.09 35.51 5.38
CA TYR B 198 -37.27 36.66 5.73
C TYR B 198 -36.07 36.88 4.79
N LYS B 199 -35.81 35.93 3.86
CA LYS B 199 -34.83 36.05 2.79
C LYS B 199 -35.49 36.91 1.69
N LYS B 200 -36.80 36.65 1.46
CA LYS B 200 -37.64 37.33 0.46
C LYS B 200 -38.08 38.72 0.93
N ASN B 201 -38.54 38.83 2.19
CA ASN B 201 -39.01 40.06 2.82
C ASN B 201 -38.12 40.34 4.04
N PRO B 202 -36.94 40.96 3.83
CA PRO B 202 -36.03 41.18 4.95
C PRO B 202 -36.58 42.08 6.03
N MET B 203 -36.32 41.72 7.29
CA MET B 203 -36.67 42.46 8.48
C MET B 203 -35.92 43.79 8.41
N VAL B 204 -36.56 44.88 8.81
CA VAL B 204 -35.95 46.21 8.82
C VAL B 204 -35.94 46.70 10.25
N GLU B 205 -34.79 47.20 10.73
CA GLU B 205 -34.64 47.76 12.06
C GLU B 205 -35.20 49.18 12.03
N THR B 206 -35.73 49.66 13.19
CA THR B 206 -36.35 50.99 13.35
C THR B 206 -35.49 52.13 12.79
N LEU B 207 -34.16 52.00 12.92
CA LEU B 207 -33.20 53.01 12.44
C LEU B 207 -32.70 52.76 10.99
N GLY B 208 -33.42 51.90 10.25
CA GLY B 208 -33.16 51.64 8.84
C GLY B 208 -32.44 50.37 8.43
N THR B 209 -31.54 49.81 9.28
CA THR B 209 -30.77 48.61 8.92
C THR B 209 -31.67 47.47 8.46
N VAL B 210 -31.50 47.08 7.18
CA VAL B 210 -32.21 45.97 6.55
C VAL B 210 -31.39 44.70 6.89
N LEU B 211 -32.01 43.78 7.61
CA LEU B 211 -31.35 42.54 8.04
C LEU B 211 -31.40 41.48 6.92
N GLN B 212 -30.55 41.68 5.89
CA GLN B 212 -30.42 40.85 4.69
C GLN B 212 -29.85 39.46 5.00
N LEU B 213 -30.56 38.41 4.58
CA LEU B 213 -30.17 37.01 4.74
C LEU B 213 -29.59 36.57 3.38
N LYS B 214 -28.40 37.12 3.04
CA LYS B 214 -27.78 36.91 1.74
C LYS B 214 -27.22 35.50 1.54
N GLN B 215 -26.43 34.99 2.49
CA GLN B 215 -25.85 33.65 2.40
C GLN B 215 -25.61 33.01 3.76
N PRO B 216 -25.80 31.67 3.89
CA PRO B 216 -25.49 31.02 5.19
C PRO B 216 -24.02 31.23 5.56
N LEU B 217 -23.71 31.33 6.85
CA LEU B 217 -22.30 31.49 7.24
C LEU B 217 -21.52 30.23 6.81
N ASN B 218 -20.35 30.40 6.17
CA ASN B 218 -19.53 29.25 5.74
C ASN B 218 -18.77 28.65 6.91
N THR B 219 -19.05 27.37 7.17
CA THR B 219 -18.39 26.63 8.26
C THR B 219 -17.61 25.40 7.74
N THR B 220 -17.63 25.14 6.42
CA THR B 220 -16.98 23.96 5.85
C THR B 220 -15.58 24.24 5.30
N ARG B 221 -15.31 25.50 4.89
CA ARG B 221 -14.01 25.91 4.39
C ARG B 221 -13.00 25.86 5.57
N ILE B 222 -11.86 25.24 5.35
CA ILE B 222 -10.83 25.08 6.39
C ILE B 222 -9.48 25.40 5.81
N ASN B 223 -8.49 25.69 6.67
CA ASN B 223 -7.12 25.84 6.22
C ASN B 223 -6.62 24.39 6.10
N ALA B 224 -5.81 24.08 5.07
CA ALA B 224 -5.32 22.71 4.82
C ALA B 224 -4.65 22.04 6.04
N ALA B 225 -3.93 22.84 6.87
CA ALA B 225 -3.25 22.36 8.08
C ALA B 225 -4.21 21.96 9.21
N GLU B 226 -5.50 22.33 9.12
CA GLU B 226 -6.51 21.99 10.13
C GLU B 226 -7.29 20.69 9.77
N ILE B 227 -6.95 20.03 8.62
CA ILE B 227 -7.66 18.84 8.08
C ILE B 227 -7.83 17.71 9.12
N GLU B 228 -6.76 17.31 9.82
CA GLU B 228 -6.82 16.21 10.80
C GLU B 228 -7.83 16.51 11.88
N SER B 229 -7.77 17.75 12.42
CA SER B 229 -8.65 18.28 13.45
C SER B 229 -10.11 18.24 12.95
N ARG B 230 -10.35 18.67 11.68
CA ARG B 230 -11.69 18.63 11.09
C ARG B 230 -12.18 17.20 10.85
N VAL B 231 -11.26 16.29 10.41
CA VAL B 231 -11.61 14.88 10.19
C VAL B 231 -12.07 14.26 11.50
N ARG B 232 -11.32 14.49 12.61
CA ARG B 232 -11.68 14.01 13.96
C ARG B 232 -13.05 14.59 14.40
N GLU B 233 -13.26 15.90 14.19
CA GLU B 233 -14.52 16.60 14.48
C GLU B 233 -15.70 15.99 13.67
N LEU B 234 -15.51 15.71 12.36
CA LEU B 234 -16.56 15.08 11.53
C LEU B 234 -16.75 13.59 11.86
N SER B 235 -15.73 12.95 12.46
CA SER B 235 -15.81 11.52 12.84
C SER B 235 -16.58 11.32 14.17
N LYS B 236 -16.69 12.38 14.98
CA LYS B 236 -17.40 12.38 16.27
C LYS B 236 -18.90 12.16 16.05
N GLN B 246 -22.85 10.83 12.78
CA GLN B 246 -21.58 11.51 12.54
C GLN B 246 -21.70 12.82 11.76
N GLY B 247 -20.74 13.72 11.98
CA GLY B 247 -20.59 15.00 11.28
C GLY B 247 -20.39 14.85 9.78
N PHE B 248 -19.80 13.71 9.34
CA PHE B 248 -19.61 13.38 7.91
C PHE B 248 -20.95 13.21 7.25
N TRP B 249 -21.87 12.45 7.93
CA TRP B 249 -23.22 12.20 7.45
C TRP B 249 -24.02 13.49 7.31
N GLU B 250 -23.96 14.35 8.35
CA GLU B 250 -24.68 15.63 8.39
C GLU B 250 -24.21 16.55 7.26
N GLU B 251 -22.90 16.75 7.12
CA GLU B 251 -22.31 17.60 6.08
C GLU B 251 -22.64 17.08 4.65
N PHE B 252 -22.63 15.76 4.48
CA PHE B 252 -22.96 15.13 3.20
C PHE B 252 -24.44 15.34 2.85
N GLU B 253 -25.35 15.06 3.79
CA GLU B 253 -26.77 15.24 3.51
C GLU B 253 -27.18 16.68 3.29
N THR B 254 -26.43 17.64 3.84
CA THR B 254 -26.62 19.09 3.68
C THR B 254 -26.20 19.48 2.23
N LEU B 255 -25.13 18.82 1.73
CA LEU B 255 -24.68 18.98 0.36
C LEU B 255 -25.73 18.30 -0.58
N GLN B 256 -26.26 17.10 -0.19
CA GLN B 256 -27.28 16.38 -0.96
C GLN B 256 -28.56 17.19 -1.10
N GLN B 257 -28.92 17.96 -0.04
CA GLN B 257 -30.12 18.82 -0.05
C GLN B 257 -30.00 19.92 -1.11
N GLN B 258 -28.77 20.31 -1.51
CA GLN B 258 -28.57 21.36 -2.52
C GLN B 258 -28.61 20.86 -4.00
N GLU B 259 -28.86 19.55 -4.22
CA GLU B 259 -28.87 19.01 -5.59
C GLU B 259 -30.06 19.51 -6.44
N CYS B 260 -31.17 19.94 -5.75
CA CYS B 260 -32.40 20.47 -6.36
CA CYS B 260 -32.37 20.42 -6.43
C CYS B 260 -32.11 21.72 -7.21
N LYS B 261 -30.98 22.40 -6.94
CA LYS B 261 -30.51 23.60 -7.64
C LYS B 261 -29.78 23.23 -8.94
N LEU B 262 -29.50 21.92 -9.17
CA LEU B 262 -28.68 21.52 -10.32
C LEU B 262 -29.44 20.71 -11.38
N LEU B 263 -30.77 20.95 -11.51
CA LEU B 263 -31.59 20.22 -12.48
C LEU B 263 -31.59 20.94 -13.84
N TYR B 264 -30.40 21.03 -14.44
CA TYR B 264 -30.20 21.66 -15.75
C TYR B 264 -30.71 20.74 -16.83
N SER B 265 -30.95 21.31 -18.03
CA SER B 265 -31.46 20.52 -19.15
C SER B 265 -30.42 19.52 -19.64
N ARG B 266 -30.92 18.33 -19.94
CA ARG B 266 -30.23 17.17 -20.48
C ARG B 266 -31.08 16.69 -21.70
N LYS B 267 -31.60 17.64 -22.49
CA LYS B 267 -32.41 17.38 -23.66
C LYS B 267 -31.70 16.64 -24.81
N GLU B 268 -30.44 16.98 -25.11
CA GLU B 268 -29.70 16.33 -26.21
C GLU B 268 -29.58 14.81 -26.04
N GLY B 269 -29.30 14.37 -24.82
CA GLY B 269 -29.20 12.95 -24.47
C GLY B 269 -30.51 12.20 -24.59
N GLN B 270 -31.64 12.93 -24.65
CA GLN B 270 -32.98 12.36 -24.78
C GLN B 270 -33.36 12.09 -26.23
N ARG B 271 -32.70 12.78 -27.21
CA ARG B 271 -32.98 12.57 -28.64
C ARG B 271 -32.94 11.11 -29.00
N GLN B 272 -33.93 10.68 -29.82
CA GLN B 272 -34.06 9.29 -30.28
C GLN B 272 -32.76 8.70 -30.75
N GLU B 273 -32.03 9.45 -31.55
CA GLU B 273 -30.78 9.01 -32.15
C GLU B 273 -29.61 8.87 -31.15
N ASN B 274 -29.77 9.46 -29.95
CA ASN B 274 -28.76 9.47 -28.88
C ASN B 274 -29.01 8.51 -27.75
N LYS B 275 -30.25 7.98 -27.66
CA LYS B 275 -30.70 7.10 -26.58
C LYS B 275 -29.80 5.92 -26.31
N ASN B 276 -29.42 5.19 -27.36
CA ASN B 276 -28.59 3.99 -27.29
C ASN B 276 -27.08 4.33 -27.12
N LYS B 277 -26.73 5.62 -27.09
CA LYS B 277 -25.35 6.08 -26.89
C LYS B 277 -25.11 6.30 -25.38
N ASN B 278 -26.18 6.03 -24.60
CA ASN B 278 -26.16 6.16 -23.15
C ASN B 278 -26.08 4.78 -22.56
N ARG B 279 -25.15 4.57 -21.61
CA ARG B 279 -25.00 3.27 -20.92
C ARG B 279 -26.24 3.04 -20.04
N TYR B 280 -26.72 4.13 -19.43
CA TYR B 280 -27.88 4.19 -18.56
C TYR B 280 -28.78 5.28 -19.12
N LYS B 281 -29.98 4.86 -19.63
CA LYS B 281 -30.98 5.71 -20.27
C LYS B 281 -31.27 7.02 -19.56
N ASN B 282 -31.31 7.02 -18.23
CA ASN B 282 -31.67 8.21 -17.47
C ASN B 282 -30.50 8.95 -16.83
N ILE B 283 -29.25 8.55 -17.13
CA ILE B 283 -28.05 9.24 -16.62
C ILE B 283 -27.46 10.00 -17.81
N LEU B 284 -27.77 11.30 -17.89
CA LEU B 284 -27.45 12.11 -19.06
C LEU B 284 -26.51 13.28 -18.82
N PRO B 285 -25.79 13.74 -19.90
CA PRO B 285 -24.89 14.89 -19.72
C PRO B 285 -25.67 16.20 -19.81
N PHE B 286 -25.29 17.22 -18.99
CA PHE B 286 -25.92 18.53 -19.04
C PHE B 286 -25.62 19.11 -20.43
N ASP B 287 -26.66 19.62 -21.14
CA ASP B 287 -26.48 20.24 -22.45
C ASP B 287 -25.46 21.37 -22.44
N HIS B 288 -25.40 22.17 -21.34
CA HIS B 288 -24.54 23.37 -21.28
C HIS B 288 -23.03 23.04 -21.10
N THR B 289 -22.67 21.81 -20.67
CA THR B 289 -21.25 21.43 -20.51
C THR B 289 -20.88 20.14 -21.28
N ARG B 290 -21.85 19.56 -22.03
CA ARG B 290 -21.58 18.32 -22.76
C ARG B 290 -20.49 18.53 -23.80
N VAL B 291 -19.74 17.46 -24.10
CA VAL B 291 -18.74 17.51 -25.16
C VAL B 291 -19.51 17.39 -26.51
N VAL B 292 -19.37 18.38 -27.36
CA VAL B 292 -20.02 18.41 -28.67
C VAL B 292 -19.00 17.95 -29.70
N LEU B 293 -19.30 16.88 -30.42
CA LEU B 293 -18.39 16.37 -31.44
C LEU B 293 -18.66 17.06 -32.78
N HIS B 294 -17.64 17.73 -33.34
CA HIS B 294 -17.65 18.50 -34.58
C HIS B 294 -17.05 17.67 -35.71
N VAL B 302 -27.69 12.74 -36.18
CA VAL B 302 -26.81 13.21 -35.10
C VAL B 302 -25.49 12.46 -35.12
N SER B 303 -24.39 13.24 -35.12
CA SER B 303 -23.02 12.79 -35.08
C SER B 303 -22.25 13.64 -34.06
N ASP B 304 -22.96 14.48 -33.27
CA ASP B 304 -22.34 15.42 -32.34
C ASP B 304 -22.34 15.00 -30.86
N TYR B 305 -22.94 13.86 -30.56
CA TYR B 305 -23.21 13.40 -29.21
C TYR B 305 -22.31 12.33 -28.64
N ILE B 306 -21.99 12.54 -27.35
CA ILE B 306 -21.27 11.61 -26.47
C ILE B 306 -21.70 11.91 -25.03
N ASN B 307 -21.96 10.86 -24.23
CA ASN B 307 -22.30 11.03 -22.82
C ASN B 307 -20.99 11.34 -22.03
N ALA B 308 -20.60 12.61 -22.06
CA ALA B 308 -19.38 13.18 -21.49
C ALA B 308 -19.63 14.67 -21.27
N ASN B 309 -18.96 15.23 -20.25
CA ASN B 309 -19.02 16.65 -19.93
C ASN B 309 -17.65 17.14 -19.60
N ILE B 310 -17.40 18.38 -19.98
CA ILE B 310 -16.17 19.07 -19.64
C ILE B 310 -16.36 19.49 -18.18
N ILE B 311 -15.34 19.28 -17.35
CA ILE B 311 -15.31 19.68 -15.95
C ILE B 311 -14.16 20.70 -15.82
N MET B 312 -14.51 21.97 -15.57
CA MET B 312 -13.59 23.09 -15.37
C MET B 312 -13.56 23.44 -13.89
N PRO B 313 -12.41 23.33 -13.20
CA PRO B 313 -12.36 23.73 -11.76
C PRO B 313 -12.53 25.23 -11.55
N PRO B 324 -1.37 27.29 -16.82
CA PRO B 324 -2.50 26.54 -17.39
C PRO B 324 -3.33 25.84 -16.32
N LYS B 325 -4.65 26.06 -16.38
CA LYS B 325 -5.62 25.45 -15.46
C LYS B 325 -5.94 24.04 -16.02
N LYS B 326 -5.88 22.99 -15.17
CA LYS B 326 -6.15 21.62 -15.64
C LYS B 326 -7.63 21.35 -15.68
N SER B 327 -8.13 20.88 -16.81
CA SER B 327 -9.55 20.54 -16.88
C SER B 327 -9.73 19.04 -17.15
N TYR B 328 -10.98 18.58 -17.02
CA TYR B 328 -11.31 17.16 -17.16
C TYR B 328 -12.46 16.97 -18.07
N ILE B 329 -12.58 15.76 -18.58
CA ILE B 329 -13.74 15.25 -19.29
C ILE B 329 -14.15 14.06 -18.44
N ALA B 330 -15.34 14.11 -17.89
CA ALA B 330 -15.91 13.06 -17.09
C ALA B 330 -16.88 12.33 -18.04
N THR B 331 -16.67 11.02 -18.22
CA THR B 331 -17.49 10.28 -19.18
C THR B 331 -17.83 8.86 -18.66
N GLN B 332 -18.76 8.19 -19.33
CA GLN B 332 -19.15 6.84 -19.02
C GLN B 332 -18.16 5.83 -19.68
N GLY B 333 -18.21 4.58 -19.25
CA GLY B 333 -17.46 3.50 -19.93
C GLY B 333 -18.03 3.30 -21.34
N CYS B 334 -17.15 3.11 -22.35
CA CYS B 334 -17.54 2.91 -23.75
C CYS B 334 -18.53 1.81 -23.95
N LEU B 335 -19.44 1.99 -24.91
CA LEU B 335 -20.35 0.95 -25.36
C LEU B 335 -19.73 0.54 -26.70
N GLN B 336 -20.11 -0.61 -27.27
CA GLN B 336 -19.54 -1.01 -28.57
C GLN B 336 -19.86 -0.01 -29.68
N ASN B 337 -21.05 0.62 -29.63
CA ASN B 337 -21.51 1.60 -30.63
C ASN B 337 -21.01 3.05 -30.33
N THR B 338 -20.24 3.25 -29.19
CA THR B 338 -19.71 4.58 -28.88
C THR B 338 -18.15 4.60 -28.87
N VAL B 339 -17.49 3.46 -29.18
CA VAL B 339 -16.02 3.39 -29.19
C VAL B 339 -15.42 4.45 -30.13
N ASN B 340 -15.98 4.59 -31.36
CA ASN B 340 -15.46 5.57 -32.35
C ASN B 340 -15.69 7.01 -31.89
N ASP B 341 -16.84 7.27 -31.24
CA ASP B 341 -17.19 8.59 -30.72
C ASP B 341 -16.25 8.99 -29.58
N PHE B 342 -15.82 8.02 -28.75
CA PHE B 342 -14.85 8.25 -27.70
C PHE B 342 -13.49 8.72 -28.31
N TRP B 343 -13.00 8.03 -29.39
CA TRP B 343 -11.73 8.42 -30.01
C TRP B 343 -11.83 9.78 -30.72
N ARG B 344 -13.01 10.13 -31.31
CA ARG B 344 -13.24 11.44 -31.92
C ARG B 344 -13.12 12.53 -30.86
N MET B 345 -13.66 12.27 -29.66
CA MET B 345 -13.61 13.22 -28.53
C MET B 345 -12.16 13.40 -28.03
N VAL B 346 -11.45 12.30 -27.81
CA VAL B 346 -10.05 12.32 -27.36
C VAL B 346 -9.23 13.15 -28.35
N PHE B 347 -9.42 12.90 -29.67
CA PHE B 347 -8.74 13.61 -30.74
C PHE B 347 -9.09 15.12 -30.79
N GLN B 348 -10.38 15.47 -30.87
CA GLN B 348 -10.89 16.85 -30.93
C GLN B 348 -10.44 17.67 -29.71
N GLU B 349 -10.52 17.09 -28.53
CA GLU B 349 -10.20 17.82 -27.32
C GLU B 349 -8.71 17.88 -26.99
N ASN B 350 -7.86 17.25 -27.83
CA ASN B 350 -6.40 17.21 -27.64
C ASN B 350 -5.97 16.55 -26.28
N SER B 351 -6.82 15.62 -25.75
CA SER B 351 -6.52 14.88 -24.50
C SER B 351 -5.32 13.97 -24.72
N ARG B 352 -4.38 14.02 -23.77
CA ARG B 352 -3.17 13.21 -23.84
C ARG B 352 -3.14 12.19 -22.72
N VAL B 353 -4.14 12.24 -21.81
CA VAL B 353 -4.23 11.35 -20.66
C VAL B 353 -5.66 10.87 -20.48
N ILE B 354 -5.81 9.56 -20.23
CA ILE B 354 -7.08 8.92 -19.92
C ILE B 354 -6.93 8.19 -18.58
N VAL B 355 -7.90 8.39 -17.70
CA VAL B 355 -7.96 7.71 -16.42
C VAL B 355 -9.18 6.79 -16.44
N MET B 356 -8.92 5.48 -16.44
CA MET B 356 -9.96 4.47 -16.40
C MET B 356 -9.95 4.00 -14.97
N THR B 357 -11.09 4.11 -14.29
CA THR B 357 -11.21 3.80 -12.84
C THR B 357 -12.03 2.52 -12.61
N THR B 358 -12.15 1.72 -13.64
CA THR B 358 -12.93 0.52 -13.58
C THR B 358 -12.19 -0.61 -14.28
N LYS B 359 -12.54 -1.87 -13.94
CA LYS B 359 -12.06 -3.02 -14.70
C LYS B 359 -13.07 -3.13 -15.83
N GLU B 360 -12.73 -3.86 -16.92
CA GLU B 360 -13.66 -4.03 -18.04
C GLU B 360 -14.93 -4.72 -17.56
N VAL B 361 -14.76 -5.74 -16.69
CA VAL B 361 -15.86 -6.53 -16.14
C VAL B 361 -15.72 -6.54 -14.61
N GLU B 362 -16.81 -6.21 -13.91
CA GLU B 362 -16.85 -6.23 -12.46
C GLU B 362 -18.11 -6.98 -12.02
N ARG B 363 -17.94 -7.95 -11.09
CA ARG B 363 -19.02 -8.81 -10.53
C ARG B 363 -19.84 -9.42 -11.68
N GLY B 364 -19.15 -10.00 -12.66
CA GLY B 364 -19.73 -10.61 -13.86
C GLY B 364 -20.40 -9.69 -14.87
N LYS B 365 -20.47 -8.37 -14.56
CA LYS B 365 -21.11 -7.36 -15.41
C LYS B 365 -20.12 -6.53 -16.21
N SER B 366 -20.44 -6.23 -17.49
CA SER B 366 -19.59 -5.37 -18.32
C SER B 366 -19.80 -3.89 -17.93
N LYS B 367 -18.69 -3.19 -17.71
CA LYS B 367 -18.63 -1.80 -17.23
C LYS B 367 -18.06 -0.86 -18.30
N CYS B 368 -17.25 -1.42 -19.21
CA CYS B 368 -16.58 -0.68 -20.27
C CYS B 368 -16.10 -1.65 -21.30
N VAL B 369 -16.39 -1.35 -22.54
CA VAL B 369 -15.94 -2.15 -23.67
C VAL B 369 -14.42 -1.82 -23.87
N LYS B 370 -13.63 -2.79 -24.35
CA LYS B 370 -12.19 -2.60 -24.58
C LYS B 370 -12.08 -1.67 -25.80
N TYR B 371 -11.60 -0.43 -25.58
CA TYR B 371 -11.55 0.57 -26.65
C TYR B 371 -10.14 0.80 -27.15
N TRP B 372 -9.21 0.01 -26.67
CA TRP B 372 -7.81 0.15 -27.03
C TRP B 372 -7.33 -1.16 -27.61
N PRO B 373 -6.31 -1.14 -28.50
CA PRO B 373 -5.78 -2.42 -29.02
C PRO B 373 -4.93 -3.17 -27.98
N ASP B 374 -4.67 -4.45 -28.27
CA ASP B 374 -3.77 -5.30 -27.49
C ASP B 374 -2.39 -4.71 -27.66
N GLU B 375 -1.48 -4.98 -26.69
CA GLU B 375 -0.12 -4.46 -26.77
C GLU B 375 0.50 -4.73 -28.12
N TYR B 376 1.22 -3.74 -28.71
CA TYR B 376 1.90 -3.83 -30.02
C TYR B 376 0.95 -3.84 -31.24
N ALA B 377 -0.37 -3.99 -31.03
CA ALA B 377 -1.31 -4.00 -32.14
C ALA B 377 -1.77 -2.58 -32.52
N LEU B 378 -2.32 -2.49 -33.74
CA LEU B 378 -2.87 -1.27 -34.30
C LEU B 378 -4.30 -1.57 -34.72
N LYS B 379 -5.22 -0.65 -34.39
CA LYS B 379 -6.62 -0.73 -34.77
C LYS B 379 -7.12 0.58 -35.32
N GLU B 380 -8.15 0.48 -36.17
CA GLU B 380 -8.89 1.61 -36.70
C GLU B 380 -10.26 1.64 -36.06
N TYR B 381 -10.62 2.79 -35.50
CA TYR B 381 -11.89 3.06 -34.86
C TYR B 381 -12.49 4.15 -35.69
N GLY B 382 -13.15 3.73 -36.76
CA GLY B 382 -13.73 4.68 -37.69
C GLY B 382 -12.59 5.39 -38.37
N VAL B 383 -12.60 6.72 -38.34
CA VAL B 383 -11.53 7.53 -38.97
C VAL B 383 -10.26 7.65 -38.08
N MET B 384 -10.29 7.11 -36.82
CA MET B 384 -9.18 7.24 -35.86
C MET B 384 -8.38 5.98 -35.77
N ARG B 385 -7.09 6.12 -35.84
CA ARG B 385 -6.13 5.02 -35.80
C ARG B 385 -5.44 5.01 -34.42
N VAL B 386 -5.47 3.89 -33.70
CA VAL B 386 -4.83 3.76 -32.39
C VAL B 386 -3.79 2.65 -32.42
N ARG B 387 -2.56 2.99 -32.04
CA ARG B 387 -1.47 2.03 -31.87
C ARG B 387 -1.18 1.87 -30.36
N ASN B 388 -1.20 0.66 -29.81
CA ASN B 388 -0.78 0.43 -28.43
C ASN B 388 0.74 0.17 -28.50
N VAL B 389 1.54 1.19 -28.18
CA VAL B 389 3.01 1.14 -28.24
C VAL B 389 3.62 0.18 -27.21
N LYS B 390 3.16 0.27 -25.93
CA LYS B 390 3.73 -0.47 -24.80
C LYS B 390 2.82 -0.38 -23.59
N GLU B 391 2.77 -1.46 -22.81
CA GLU B 391 2.03 -1.54 -21.55
C GLU B 391 3.07 -1.75 -20.43
N SER B 392 2.92 -1.02 -19.32
CA SER B 392 3.75 -1.09 -18.12
C SER B 392 2.79 -1.29 -16.96
N ALA B 393 2.91 -2.42 -16.26
CA ALA B 393 2.03 -2.78 -15.16
C ALA B 393 2.64 -2.49 -13.78
N ALA B 394 1.85 -1.89 -12.86
CA ALA B 394 2.22 -1.62 -11.47
C ALA B 394 1.15 -2.41 -10.71
N HIS B 395 1.19 -2.48 -9.38
CA HIS B 395 0.18 -3.22 -8.62
C HIS B 395 -1.23 -2.59 -8.80
N ASP B 396 -1.35 -1.28 -8.57
CA ASP B 396 -2.65 -0.59 -8.65
C ASP B 396 -3.16 -0.29 -10.05
N TYR B 397 -2.24 -0.16 -11.02
CA TYR B 397 -2.66 0.24 -12.36
C TYR B 397 -1.77 -0.28 -13.48
N THR B 398 -2.30 -0.21 -14.70
CA THR B 398 -1.59 -0.51 -15.93
C THR B 398 -1.54 0.80 -16.71
N LEU B 399 -0.35 1.08 -17.25
CA LEU B 399 -0.17 2.23 -18.11
C LEU B 399 -0.03 1.71 -19.54
N ARG B 400 -0.88 2.18 -20.46
CA ARG B 400 -0.82 1.84 -21.87
C ARG B 400 -0.41 3.07 -22.65
N GLU B 401 0.73 3.01 -23.36
CA GLU B 401 1.18 4.12 -24.19
C GLU B 401 0.51 3.94 -25.55
N LEU B 402 -0.43 4.82 -25.88
CA LEU B 402 -1.23 4.73 -27.11
C LEU B 402 -0.84 5.85 -28.06
N LYS B 403 -0.81 5.58 -29.37
CA LYS B 403 -0.52 6.63 -30.37
C LYS B 403 -1.79 6.78 -31.18
N LEU B 404 -2.40 7.97 -31.11
CA LEU B 404 -3.65 8.29 -31.77
C LEU B 404 -3.42 9.23 -32.96
N SER B 405 -4.01 8.90 -34.13
CA SER B 405 -3.93 9.73 -35.32
C SER B 405 -5.20 9.56 -36.15
N LYS B 406 -5.49 10.53 -37.02
CA LYS B 406 -6.60 10.38 -37.94
C LYS B 406 -6.05 9.59 -39.13
N VAL B 407 -6.85 8.64 -39.62
CA VAL B 407 -6.52 7.84 -40.81
C VAL B 407 -6.30 8.78 -42.03
N GLY B 408 -5.21 8.55 -42.77
CA GLY B 408 -4.85 9.34 -43.94
C GLY B 408 -4.03 10.59 -43.69
N GLN B 409 -3.71 10.89 -42.41
CA GLN B 409 -2.98 12.10 -42.01
C GLN B 409 -2.01 11.78 -40.88
N GLY B 410 -0.81 11.31 -41.22
CA GLY B 410 0.22 10.94 -40.26
C GLY B 410 0.67 12.07 -39.35
N ASN B 411 0.59 13.33 -39.85
CA ASN B 411 0.95 14.56 -39.11
C ASN B 411 0.06 14.84 -37.88
N THR B 412 -1.14 14.22 -37.79
CA THR B 412 -2.09 14.36 -36.68
C THR B 412 -1.75 13.52 -35.45
N GLU B 413 -0.72 12.67 -35.52
CA GLU B 413 -0.34 11.74 -34.45
C GLU B 413 0.04 12.43 -33.15
N ARG B 414 -0.39 11.85 -32.01
CA ARG B 414 -0.05 12.25 -30.64
C ARG B 414 -0.15 11.04 -29.71
N THR B 415 0.64 11.08 -28.64
CA THR B 415 0.64 10.02 -27.66
C THR B 415 -0.48 10.29 -26.65
N VAL B 416 -1.25 9.25 -26.33
CA VAL B 416 -2.31 9.27 -25.34
C VAL B 416 -1.91 8.24 -24.28
N TRP B 417 -1.72 8.72 -23.04
CA TRP B 417 -1.28 7.89 -21.93
C TRP B 417 -2.50 7.40 -21.16
N GLN B 418 -2.77 6.11 -21.23
CA GLN B 418 -3.94 5.54 -20.56
C GLN B 418 -3.55 4.89 -19.26
N TYR B 419 -4.03 5.44 -18.15
CA TYR B 419 -3.79 5.00 -16.78
C TYR B 419 -5.03 4.26 -16.37
N HIS B 420 -4.90 2.95 -16.22
CA HIS B 420 -6.05 2.09 -15.92
C HIS B 420 -5.94 1.57 -14.47
N PHE B 421 -6.64 2.23 -13.55
CA PHE B 421 -6.71 1.86 -12.12
C PHE B 421 -7.48 0.54 -12.04
N ARG B 422 -6.86 -0.46 -11.40
CA ARG B 422 -7.41 -1.79 -11.33
CA ARG B 422 -7.25 -1.86 -11.31
C ARG B 422 -7.74 -2.30 -9.92
N THR B 423 -7.32 -1.60 -8.87
CA THR B 423 -7.59 -2.08 -7.52
C THR B 423 -8.74 -1.42 -6.75
N TRP B 424 -9.61 -0.65 -7.41
CA TRP B 424 -10.75 -0.06 -6.70
C TRP B 424 -11.69 -1.22 -6.32
N PRO B 425 -12.17 -1.34 -5.06
CA PRO B 425 -13.02 -2.49 -4.72
C PRO B 425 -14.36 -2.56 -5.42
N ASP B 426 -14.93 -3.78 -5.57
CA ASP B 426 -16.23 -4.05 -6.20
C ASP B 426 -17.31 -3.23 -5.50
N HIS B 427 -17.29 -3.25 -4.15
CA HIS B 427 -18.18 -2.45 -3.33
C HIS B 427 -17.39 -1.53 -2.39
N GLY B 428 -17.93 -0.34 -2.19
CA GLY B 428 -17.33 0.65 -1.32
C GLY B 428 -16.18 1.42 -1.93
N VAL B 429 -15.32 1.89 -1.05
CA VAL B 429 -14.17 2.68 -1.41
C VAL B 429 -12.94 1.97 -0.87
N PRO B 430 -11.71 2.26 -1.36
CA PRO B 430 -10.53 1.61 -0.77
C PRO B 430 -10.39 1.99 0.70
N SER B 431 -9.92 1.05 1.52
CA SER B 431 -9.67 1.28 2.97
C SER B 431 -8.48 2.23 3.18
N ASP B 432 -7.54 2.26 2.22
CA ASP B 432 -6.35 3.12 2.29
C ASP B 432 -6.33 4.04 1.05
N PRO B 433 -6.22 5.40 1.18
CA PRO B 433 -6.16 6.25 -0.01
C PRO B 433 -4.81 6.37 -0.72
N GLY B 434 -3.75 5.76 -0.19
CA GLY B 434 -2.38 5.80 -0.71
C GLY B 434 -2.22 5.38 -2.16
N GLY B 435 -2.90 4.32 -2.55
CA GLY B 435 -2.92 3.81 -3.93
C GLY B 435 -3.48 4.84 -4.88
N VAL B 436 -4.65 5.43 -4.53
CA VAL B 436 -5.30 6.49 -5.31
C VAL B 436 -4.40 7.72 -5.44
N LEU B 437 -3.77 8.13 -4.32
CA LEU B 437 -2.91 9.32 -4.31
C LEU B 437 -1.64 9.19 -5.14
N ASP B 438 -0.94 8.05 -5.00
CA ASP B 438 0.28 7.80 -5.77
C ASP B 438 -0.06 7.77 -7.26
N PHE B 439 -1.24 7.18 -7.61
CA PHE B 439 -1.77 7.09 -8.98
C PHE B 439 -2.03 8.49 -9.55
N LEU B 440 -2.77 9.30 -8.80
CA LEU B 440 -3.11 10.67 -9.18
C LEU B 440 -1.87 11.54 -9.35
N GLU B 441 -0.90 11.45 -8.39
CA GLU B 441 0.39 12.17 -8.45
C GLU B 441 1.10 11.81 -9.78
N GLU B 442 1.12 10.53 -10.14
CA GLU B 442 1.74 10.05 -11.38
C GLU B 442 1.04 10.61 -12.64
N VAL B 443 -0.31 10.59 -12.65
CA VAL B 443 -1.18 11.14 -13.71
C VAL B 443 -0.92 12.64 -13.82
N HIS B 444 -0.81 13.33 -12.69
CA HIS B 444 -0.56 14.77 -12.64
C HIS B 444 0.75 15.18 -13.37
N HIS B 445 1.84 14.50 -13.03
CA HIS B 445 3.15 14.74 -13.62
C HIS B 445 3.21 14.47 -15.10
N LYS B 446 2.52 13.39 -15.58
CA LYS B 446 2.43 13.12 -17.02
C LYS B 446 1.79 14.29 -17.76
N GLN B 447 0.65 14.74 -17.24
CA GLN B 447 -0.13 15.84 -17.80
C GLN B 447 0.70 17.14 -17.83
N GLU B 448 1.42 17.41 -16.74
CA GLU B 448 2.26 18.58 -16.61
C GLU B 448 3.47 18.56 -17.59
N SER B 449 4.01 17.38 -17.85
CA SER B 449 5.13 17.20 -18.78
C SER B 449 4.78 17.39 -20.27
N ILE B 450 3.47 17.39 -20.62
CA ILE B 450 3.01 17.51 -22.03
C ILE B 450 2.53 18.92 -22.36
N MET B 451 3.27 19.61 -23.22
CA MET B 451 2.93 20.96 -23.66
C MET B 451 1.57 21.00 -24.38
N ASP B 452 0.71 21.94 -23.96
CA ASP B 452 -0.61 22.21 -24.53
C ASP B 452 -1.58 20.99 -24.55
N ALA B 453 -1.37 20.01 -23.66
CA ALA B 453 -2.26 18.85 -23.49
C ALA B 453 -3.69 19.37 -23.16
N GLY B 454 -4.72 18.75 -23.74
CA GLY B 454 -6.10 19.12 -23.45
C GLY B 454 -6.59 18.57 -22.12
N PRO B 455 -7.93 18.50 -21.88
CA PRO B 455 -8.42 17.98 -20.59
C PRO B 455 -8.10 16.51 -20.39
N VAL B 456 -8.00 16.12 -19.12
CA VAL B 456 -7.74 14.72 -18.76
C VAL B 456 -9.08 13.97 -18.81
N VAL B 457 -9.16 12.87 -19.60
CA VAL B 457 -10.38 12.08 -19.70
C VAL B 457 -10.47 11.15 -18.49
N VAL B 458 -11.59 11.14 -17.76
CA VAL B 458 -11.77 10.28 -16.58
C VAL B 458 -13.08 9.51 -16.75
N HIS B 459 -13.06 8.19 -16.62
CA HIS B 459 -14.28 7.41 -16.76
C HIS B 459 -14.28 6.22 -15.83
N CYS B 460 -15.48 5.73 -15.53
CA CYS B 460 -15.78 4.52 -14.79
C CYS B 460 -16.96 3.88 -15.53
N SER B 461 -18.08 3.53 -14.89
CA SER B 461 -19.22 2.89 -15.57
C SER B 461 -20.21 3.96 -16.04
N ALA B 462 -20.96 4.60 -15.10
CA ALA B 462 -21.88 5.69 -15.42
C ALA B 462 -21.07 7.01 -15.54
N GLY B 463 -19.84 7.03 -15.02
CA GLY B 463 -18.99 8.21 -15.09
C GLY B 463 -19.38 9.33 -14.14
N ILE B 464 -19.94 8.99 -12.97
CA ILE B 464 -20.32 10.01 -11.96
C ILE B 464 -19.76 9.73 -10.56
N GLY B 465 -19.79 8.47 -10.08
CA GLY B 465 -19.35 8.13 -8.73
C GLY B 465 -17.85 8.10 -8.54
N ARG B 466 -17.20 7.00 -8.98
CA ARG B 466 -15.72 6.90 -8.91
C ARG B 466 -15.06 8.03 -9.73
N THR B 467 -15.62 8.32 -10.91
CA THR B 467 -15.15 9.39 -11.79
C THR B 467 -15.19 10.74 -11.04
N GLY B 468 -16.33 11.08 -10.44
CA GLY B 468 -16.44 12.31 -9.67
C GLY B 468 -15.52 12.32 -8.47
N THR B 469 -15.33 11.17 -7.84
CA THR B 469 -14.45 11.00 -6.67
C THR B 469 -12.99 11.27 -7.04
N PHE B 470 -12.47 10.62 -8.11
CA PHE B 470 -11.07 10.84 -8.55
C PHE B 470 -10.87 12.30 -8.93
N ILE B 471 -11.83 12.88 -9.72
CA ILE B 471 -11.70 14.27 -10.15
C ILE B 471 -11.64 15.24 -8.95
N VAL B 472 -12.52 15.08 -7.94
CA VAL B 472 -12.59 15.98 -6.79
C VAL B 472 -11.28 15.89 -5.98
N ILE B 473 -10.81 14.65 -5.69
CA ILE B 473 -9.54 14.42 -5.00
C ILE B 473 -8.44 15.14 -5.77
N ASP B 474 -8.39 14.96 -7.12
CA ASP B 474 -7.39 15.62 -7.99
C ASP B 474 -7.45 17.14 -7.95
N ILE B 475 -8.67 17.75 -7.86
CA ILE B 475 -8.81 19.22 -7.78
C ILE B 475 -8.22 19.79 -6.46
N LEU B 476 -8.57 19.15 -5.35
CA LEU B 476 -8.19 19.52 -4.00
C LEU B 476 -6.68 19.39 -3.76
N ILE B 477 -6.07 18.23 -4.16
CA ILE B 477 -4.63 18.00 -4.03
C ILE B 477 -3.86 18.97 -4.95
N ASP B 478 -4.46 19.40 -6.10
CA ASP B 478 -3.85 20.41 -6.97
C ASP B 478 -3.72 21.78 -6.28
N ILE B 479 -4.71 22.18 -5.46
CA ILE B 479 -4.69 23.44 -4.67
C ILE B 479 -3.51 23.33 -3.66
N ILE B 480 -3.47 22.23 -2.87
CA ILE B 480 -2.46 21.93 -1.87
C ILE B 480 -1.03 21.81 -2.45
N ARG B 481 -0.85 21.14 -3.60
CA ARG B 481 0.47 20.94 -4.25
C ARG B 481 1.10 22.27 -4.67
N GLU B 482 0.27 23.21 -5.15
CA GLU B 482 0.64 24.52 -5.62
C GLU B 482 0.85 25.54 -4.48
N LYS B 483 -0.01 25.51 -3.44
CA LYS B 483 0.02 26.51 -2.33
C LYS B 483 0.55 25.99 -0.98
N GLY B 484 0.78 24.69 -0.86
CA GLY B 484 1.22 24.07 0.38
C GLY B 484 0.06 23.98 1.36
N VAL B 485 0.36 23.81 2.65
CA VAL B 485 -0.64 23.74 3.73
C VAL B 485 -1.28 25.10 4.00
N ASP B 486 -0.68 26.19 3.52
CA ASP B 486 -1.23 27.53 3.71
C ASP B 486 -2.21 27.90 2.59
N CYS B 487 -3.32 27.16 2.54
CA CYS B 487 -4.40 27.36 1.57
C CYS B 487 -5.74 26.96 2.19
N ASP B 488 -6.82 27.51 1.65
CA ASP B 488 -8.18 27.23 2.06
C ASP B 488 -8.74 26.13 1.18
N ILE B 489 -9.31 25.09 1.79
CA ILE B 489 -9.99 24.03 1.04
C ILE B 489 -11.44 23.90 1.60
N ASP B 490 -12.39 23.55 0.73
CA ASP B 490 -13.81 23.43 1.08
C ASP B 490 -14.40 22.31 0.24
N VAL B 491 -14.38 21.09 0.78
CA VAL B 491 -14.78 19.86 0.10
C VAL B 491 -16.21 19.98 -0.52
N PRO B 492 -17.31 20.27 0.25
CA PRO B 492 -18.65 20.37 -0.38
C PRO B 492 -18.76 21.47 -1.44
N LYS B 493 -18.04 22.61 -1.24
CA LYS B 493 -18.07 23.68 -2.22
C LYS B 493 -17.49 23.18 -3.54
N THR B 494 -16.39 22.38 -3.48
CA THR B 494 -15.73 21.83 -4.67
C THR B 494 -16.64 20.82 -5.36
N ILE B 495 -17.31 19.96 -4.58
CA ILE B 495 -18.21 18.95 -5.12
C ILE B 495 -19.40 19.62 -5.81
N GLN B 496 -20.00 20.66 -5.18
CA GLN B 496 -21.16 21.39 -5.73
C GLN B 496 -20.82 21.99 -7.07
N MET B 497 -19.62 22.60 -7.16
CA MET B 497 -19.09 23.23 -8.35
C MET B 497 -18.95 22.17 -9.51
N VAL B 498 -18.53 20.94 -9.16
CA VAL B 498 -18.32 19.84 -10.14
C VAL B 498 -19.67 19.24 -10.56
N ARG B 499 -20.61 19.09 -9.61
CA ARG B 499 -21.98 18.63 -9.81
C ARG B 499 -22.83 19.57 -10.66
N SER B 500 -22.41 20.83 -10.80
CA SER B 500 -23.09 21.79 -11.66
C SER B 500 -22.64 21.61 -13.13
N GLN B 501 -21.58 20.78 -13.33
CA GLN B 501 -21.00 20.50 -14.65
C GLN B 501 -21.29 19.08 -15.16
N ARG B 502 -21.59 18.14 -14.26
CA ARG B 502 -22.03 16.78 -14.60
C ARG B 502 -22.84 16.28 -13.42
N SER B 503 -24.02 15.69 -13.71
CA SER B 503 -24.99 15.20 -12.72
C SER B 503 -24.38 14.19 -11.72
N GLY B 504 -24.65 14.36 -10.43
CA GLY B 504 -24.27 13.43 -9.37
C GLY B 504 -22.80 13.10 -9.20
N MET B 505 -21.91 14.03 -9.55
CA MET B 505 -20.48 13.82 -9.37
C MET B 505 -20.27 13.63 -7.90
N VAL B 506 -19.75 12.42 -7.52
CA VAL B 506 -19.55 11.95 -6.13
C VAL B 506 -20.93 11.42 -5.70
N GLN B 507 -21.07 10.10 -5.68
CA GLN B 507 -22.34 9.42 -5.42
C GLN B 507 -22.72 9.14 -3.94
N THR B 508 -21.77 8.70 -3.13
CA THR B 508 -22.09 8.22 -1.79
C THR B 508 -21.34 8.94 -0.68
N GLU B 509 -21.78 8.70 0.55
CA GLU B 509 -21.20 9.21 1.78
C GLU B 509 -19.83 8.55 2.00
N ALA B 510 -19.65 7.28 1.57
CA ALA B 510 -18.35 6.59 1.68
C ALA B 510 -17.29 7.30 0.81
N GLN B 511 -17.69 7.73 -0.38
CA GLN B 511 -16.82 8.48 -1.31
C GLN B 511 -16.51 9.83 -0.72
N TYR B 512 -17.52 10.50 -0.11
CA TYR B 512 -17.38 11.79 0.55
C TYR B 512 -16.30 11.74 1.64
N ARG B 513 -16.39 10.73 2.53
CA ARG B 513 -15.44 10.45 3.60
C ARG B 513 -14.08 10.11 2.97
N PHE B 514 -14.09 9.33 1.87
CA PHE B 514 -12.86 8.94 1.17
C PHE B 514 -12.11 10.18 0.61
N ILE B 515 -12.85 11.22 0.17
CA ILE B 515 -12.22 12.46 -0.34
C ILE B 515 -11.47 13.14 0.83
N TYR B 516 -12.09 13.26 2.01
CA TYR B 516 -11.50 13.83 3.23
C TYR B 516 -10.28 13.02 3.66
N MET B 517 -10.40 11.66 3.69
CA MET B 517 -9.32 10.73 4.02
C MET B 517 -8.12 10.93 3.06
N ALA B 518 -8.39 11.03 1.73
CA ALA B 518 -7.35 11.24 0.71
C ALA B 518 -6.61 12.58 0.84
N VAL B 519 -7.36 13.66 1.05
CA VAL B 519 -6.82 15.01 1.27
C VAL B 519 -5.98 15.04 2.60
N GLN B 520 -6.46 14.38 3.67
CA GLN B 520 -5.71 14.32 4.94
C GLN B 520 -4.38 13.56 4.76
N HIS B 521 -4.42 12.35 4.16
CA HIS B 521 -3.24 11.53 3.85
C HIS B 521 -2.23 12.29 3.00
N TYR B 522 -2.70 13.04 1.96
CA TYR B 522 -1.81 13.85 1.11
C TYR B 522 -1.05 14.92 1.95
N ILE B 523 -1.80 15.62 2.83
CA ILE B 523 -1.29 16.68 3.73
C ILE B 523 -0.29 16.09 4.72
N GLU B 524 -0.61 14.93 5.35
CA GLU B 524 0.27 14.21 6.29
C GLU B 524 1.64 13.88 5.68
N THR B 525 1.68 13.37 4.43
CA THR B 525 2.92 12.98 3.73
C THR B 525 3.66 14.15 3.03
N LEU B 526 3.24 15.40 3.30
CA LEU B 526 3.88 16.59 2.70
C LEU B 526 5.16 16.96 3.46
C1 5OD C . 33.67 -15.01 11.88
C3 5OD C . 35.96 -14.49 12.22
C11 5OD C . 37.72 -11.32 9.16
C12 5OD C . 39.16 -11.90 9.42
C13 5OD C . 39.21 -13.00 10.55
C14 5OD C . 38.23 -12.76 11.74
C15 5OD C . 31.87 -16.66 11.27
C16 5OD C . 30.83 -17.51 11.65
C17 5OD C . 30.46 -17.65 13.00
C18 5OD C . 31.13 -16.89 13.98
C19 5OD C . 32.15 -16.00 13.60
C23 5OD C . 40.10 -10.72 9.83
N2 5OD C . 34.89 -15.29 12.41
C4 5OD C . 35.84 -13.34 11.42
N5 5OD C . 34.60 -13.06 10.91
C6 5OD C . 33.52 -13.84 11.11
N7 5OD C . 32.36 -13.51 10.51
C8 5OD C . 32.54 -15.90 12.24
N9 5OD C . 36.89 -12.50 11.19
C10 5OD C . 36.73 -11.27 10.39
CL1 5OD C . 32.32 -16.60 9.58
CL2 5OD C . 30.07 -18.44 10.39
N22 5OD C . 39.70 -12.42 8.14
C2 DZV D . 17.55 -25.56 -5.64
C3 DZV D . 16.35 -25.67 -6.57
C4 DZV D . 15.54 -24.52 -6.73
C5 DZV D . 14.43 -24.57 -7.62
C6 DZV D . 14.14 -25.75 -8.34
C7 DZV D . 14.97 -26.89 -8.19
C8 DZV D . 16.07 -26.86 -7.30
C11 DZV D . 20.16 -28.91 -5.04
C12 DZV D . 21.06 -30.01 -4.84
C13 DZV D . 22.12 -30.26 -5.74
C14 DZV D . 22.30 -29.43 -6.88
C17 DZV D . 19.05 -30.31 -2.30
C18 DZV D . 20.11 -30.15 -1.38
C19 DZV D . 20.63 -31.27 -0.68
C20 DZV D . 22.22 -32.09 0.95
C21 DZV D . 20.03 -32.56 -0.92
C22 DZV D . 18.97 -32.72 -1.83
C23 DZV D . 18.48 -31.59 -2.55
N1 DZV D . 19.10 -28.57 -4.15
C1 DZV D . 18.27 -27.55 -4.40
N2 DZV D . 18.44 -26.70 -5.53
CL1 DZV D . 15.93 -23.09 -5.85
C9 DZV D . 19.46 -26.86 -6.43
C10 DZV D . 20.38 -28.05 -6.17
C15 DZV D . 21.41 -28.35 -7.11
O1 DZV D . 19.57 -26.18 -7.47
N3 DZV D . 17.30 -27.42 -3.49
N4 DZV D . 17.50 -28.45 -2.59
C16 DZV D . 18.57 -29.14 -3.04
O2 DZV D . 21.66 -31.01 0.20
O3 DZV D . 20.65 -28.89 -1.18
P PO4 E . 32.25 -3.30 -11.50
O1 PO4 E . 33.22 -3.14 -10.23
O2 PO4 E . 32.77 -2.40 -12.66
O3 PO4 E . 30.77 -2.88 -11.06
O4 PO4 E . 32.26 -4.83 -12.01
C1 GOL F . 36.53 -22.43 7.84
O1 GOL F . 35.98 -22.52 9.15
C2 GOL F . 36.02 -23.53 6.94
O2 GOL F . 37.12 -24.32 6.47
C3 GOL F . 35.22 -23.04 5.76
O3 GOL F . 36.02 -22.31 4.83
C1 5OD G . -22.34 23.07 3.39
C3 5OD G . -22.74 23.95 5.56
C11 5OD G . -24.53 20.75 8.41
C12 5OD G . -25.23 21.84 9.31
C13 5OD G . -24.87 23.31 8.87
C14 5OD G . -23.41 23.52 8.38
C15 5OD G . -22.86 23.16 0.93
C16 5OD G . -22.54 23.51 -0.38
C17 5OD G . -21.34 24.18 -0.65
C18 5OD G . -20.47 24.47 0.42
C19 5OD G . -20.80 24.10 1.74
C23 5OD G . -24.77 21.63 10.79
N2 5OD G . -22.48 24.12 4.23
C4 5OD G . -22.86 22.66 6.10
N5 5OD G . -22.70 21.61 5.24
C6 5OD G . -22.46 21.76 3.93
N7 5OD G . -22.32 20.62 3.23
C8 5OD G . -22.00 23.41 1.99
N9 5OD G . -23.10 22.43 7.42
C10 5OD G . -23.07 21.07 7.97
CL1 5OD G . -24.40 22.39 1.18
CL2 5OD G . -23.71 23.16 -1.64
N22 5OD G . -26.71 21.61 9.32
C2 DZV H . -34.96 13.85 -17.47
C3 DZV H . -35.37 12.87 -18.57
C4 DZV H . -34.68 11.63 -18.67
C5 DZV H . -35.02 10.69 -19.68
C6 DZV H . -36.06 10.99 -20.58
C7 DZV H . -36.75 12.23 -20.49
C8 DZV H . -36.40 13.17 -19.50
C11 DZV H . -36.95 17.67 -17.17
C12 DZV H . -37.60 18.94 -17.01
C13 DZV H . -38.87 19.03 -16.40
C14 DZV H . -39.48 17.89 -15.86
C17 DZV H . -34.92 19.83 -18.55
C18 DZV H . -34.58 20.68 -17.47
C19 DZV H . -34.66 22.10 -17.62
C20 DZV H . -34.12 24.27 -16.60
C21 DZV H . -35.14 22.64 -18.84
C22 DZV H . -35.51 21.80 -19.91
C23 DZV H . -35.41 20.40 -19.77
N1 DZV H . -35.70 17.50 -17.82
C1 DZV H . -35.10 16.30 -17.91
N2 DZV H . -35.70 15.11 -17.38
CL1 DZV H . -33.41 11.24 -17.56
C9 DZV H . -36.88 15.14 -16.70
C10 DZV H . -37.57 16.50 -16.61
C15 DZV H . -38.83 16.64 -15.96
O1 DZV H . -37.42 14.12 -16.25
N3 DZV H . -33.92 16.37 -18.54
N4 DZV H . -33.76 17.71 -18.90
C16 DZV H . -34.83 18.36 -18.42
O2 DZV H . -34.29 22.86 -16.50
O3 DZV H . -34.14 20.17 -16.28
P PO4 I . -36.02 0.52 5.80
O1 PO4 I . -35.65 1.76 6.76
O2 PO4 I . -36.77 -0.58 6.69
O3 PO4 I . -34.77 -0.07 5.17
O4 PO4 I . -36.97 0.96 4.59
C1 GOL J . -32.23 26.46 -0.05
O1 GOL J . -32.20 25.06 0.20
C2 GOL J . -30.84 27.06 -0.03
O2 GOL J . -30.78 28.21 -0.87
C3 GOL J . -30.43 27.44 1.37
O3 GOL J . -29.06 27.81 1.42
C1 GOL K . -8.02 10.82 -47.10
O1 GOL K . -7.00 11.80 -47.21
C2 GOL K . -7.46 9.52 -46.58
O2 GOL K . -8.52 8.69 -46.06
C3 GOL K . -6.71 8.77 -47.65
O3 GOL K . -5.81 7.83 -47.07
#